data_6J2I
#
_entry.id   6J2I
#
_cell.length_a   100.937
_cell.length_b   104.641
_cell.length_c   180.782
_cell.angle_alpha   90.00
_cell.angle_beta   90.00
_cell.angle_gamma   90.00
#
_symmetry.space_group_name_H-M   'C 2 2 21'
#
loop_
_entity.id
_entity.type
_entity.pdbx_description
1 polymer Ptal-N*01:01
2 polymer Beta-2-microglobulin
3 polymer H17N10-NP
4 water water
#
loop_
_entity_poly.entity_id
_entity_poly.type
_entity_poly.pdbx_seq_one_letter_code
_entity_poly.pdbx_strand_id
1 'polypeptide(L)'
;GSHGFHSLRYFYTAWSRPGSGEPRFVAVGYVDDTQFVRFDSDNASPRAEPRAPWMDLVEQQDPQYWDRNTRNARDAAQTY
RVGLDNVRGYYNQSEAGSHTIQRMYGCDVGPHGRLLRGYDQLAYDGADYIALNEDLRSWTAADLAAQNTRRKWEEAGYAE
RDRAYLEGECVEWLLKHLENGRETLLRADPPKTHITHHPISDREVTLRCWALGFYPEEITLTWQHDGEDQTQEMELVETR
PDGNGAFQKWAALVVPSGEEQRYTCHVQHEGLPQPLTLRW
;
A,D
2 'polypeptide(L)'
;IQRTPKIQVYSRHPAENGKSNFLNCYVSGFHPSDIEVDLLKNGERIEKVEHSDLSFSKDWSFYLLYYTEFTPTEKDEYAC
RVNHVTLSQPKIVKWDRDM
;
B,E
3 'polypeptide(L)' DFEKEGYSL C,F
#
# COMPACT_ATOMS: atom_id res chain seq x y z
N GLY A 1 5.52 19.93 36.37
CA GLY A 1 5.10 20.10 34.99
C GLY A 1 6.12 19.52 34.02
N SER A 2 5.70 19.33 32.77
CA SER A 2 6.55 18.68 31.78
C SER A 2 7.86 19.44 31.57
N HIS A 3 8.97 18.70 31.58
CA HIS A 3 10.27 19.29 31.30
C HIS A 3 10.47 19.41 29.79
N GLY A 4 10.99 20.56 29.36
CA GLY A 4 11.21 20.77 27.95
C GLY A 4 12.31 19.86 27.42
N PHE A 5 12.26 19.63 26.11
CA PHE A 5 13.37 19.01 25.39
C PHE A 5 13.32 19.50 23.96
N HIS A 6 14.50 19.78 23.41
CA HIS A 6 14.60 20.38 22.09
C HIS A 6 15.63 19.62 21.26
N SER A 7 15.53 19.77 19.95
CA SER A 7 16.36 19.01 19.03
C SER A 7 16.93 19.89 17.93
N LEU A 8 18.19 19.65 17.59
CA LEU A 8 18.83 20.23 16.43
C LEU A 8 19.12 19.09 15.47
N ARG A 9 18.60 19.18 14.25
CA ARG A 9 18.71 18.09 13.28
C ARG A 9 19.11 18.62 11.91
N TYR A 10 20.02 17.91 11.25
CA TYR A 10 20.48 18.21 9.91
C TYR A 10 20.13 17.05 8.97
N PHE A 11 19.68 17.38 7.76
CA PHE A 11 19.21 16.39 6.80
C PHE A 11 19.96 16.55 5.48
N TYR A 12 20.68 15.51 5.08
CA TYR A 12 21.44 15.51 3.83
C TYR A 12 20.75 14.62 2.80
N THR A 13 20.61 15.13 1.58
CA THR A 13 20.12 14.33 0.46
C THR A 13 21.04 14.52 -0.73
N ALA A 14 21.59 13.42 -1.25
CA ALA A 14 22.45 13.43 -2.41
C ALA A 14 22.01 12.33 -3.36
N TRP A 15 21.77 12.68 -4.62
CA TRP A 15 21.35 11.69 -5.61
C TRP A 15 22.05 11.95 -6.93
N SER A 16 22.34 10.87 -7.64
CA SER A 16 22.97 10.92 -8.95
C SER A 16 21.93 11.12 -10.04
N ARG A 17 22.33 11.83 -11.10
CA ARG A 17 21.47 12.13 -12.24
C ARG A 17 22.19 11.73 -13.52
N PRO A 18 22.19 10.44 -13.86
CA PRO A 18 22.84 10.00 -15.10
C PRO A 18 22.27 10.72 -16.32
N GLY A 19 23.18 11.24 -17.16
CA GLY A 19 22.78 11.96 -18.34
C GLY A 19 22.44 13.42 -18.14
N SER A 20 22.24 13.86 -16.89
CA SER A 20 21.87 15.24 -16.60
C SER A 20 22.87 15.89 -15.64
N GLY A 21 24.15 15.60 -15.84
CA GLY A 21 25.19 16.28 -15.10
C GLY A 21 25.55 15.58 -13.79
N GLU A 22 26.29 16.34 -12.98
CA GLU A 22 26.82 15.83 -11.73
C GLU A 22 25.69 15.51 -10.74
N PRO A 23 25.97 14.67 -9.75
CA PRO A 23 25.00 14.46 -8.67
C PRO A 23 24.66 15.79 -7.98
N ARG A 24 23.45 15.84 -7.44
CA ARG A 24 23.01 16.98 -6.65
C ARG A 24 23.12 16.64 -5.17
N PHE A 25 23.27 17.68 -4.35
CA PHE A 25 23.36 17.53 -2.90
C PHE A 25 22.61 18.67 -2.26
N VAL A 26 21.63 18.34 -1.41
CA VAL A 26 20.83 19.33 -0.71
C VAL A 26 20.86 19.00 0.78
N ALA A 27 21.09 20.02 1.60
CA ALA A 27 21.13 19.85 3.04
C ALA A 27 20.27 20.91 3.70
N VAL A 28 19.60 20.54 4.79
CA VAL A 28 18.76 21.45 5.56
C VAL A 28 18.94 21.16 7.04
N GLY A 29 18.67 22.17 7.85
CA GLY A 29 18.77 22.03 9.29
C GLY A 29 17.49 22.48 9.99
N TYR A 30 17.11 21.77 11.01
CA TYR A 30 15.98 22.11 11.76
C TYR A 30 16.18 22.18 13.26
N VAL A 31 15.66 23.20 13.88
CA VAL A 31 15.60 23.27 15.29
C VAL A 31 14.12 22.94 15.55
N ASP A 32 13.90 21.88 16.29
CA ASP A 32 12.59 21.32 16.56
C ASP A 32 11.81 21.14 15.25
N ASP A 33 10.80 21.93 15.06
CA ASP A 33 10.04 21.84 13.88
C ASP A 33 10.21 23.02 12.92
N THR A 34 11.15 23.91 13.13
CA THR A 34 11.39 25.09 12.30
C THR A 34 12.68 24.91 11.54
N GLN A 35 12.60 24.98 10.22
CA GLN A 35 13.80 25.01 9.39
C GLN A 35 14.51 26.34 9.56
N PHE A 36 15.85 26.30 9.61
CA PHE A 36 16.63 27.52 9.78
C PHE A 36 17.77 27.69 8.79
N VAL A 37 18.15 26.67 8.03
CA VAL A 37 19.31 26.78 7.15
C VAL A 37 19.15 25.80 5.99
N ARG A 38 19.74 26.16 4.86
CA ARG A 38 19.67 25.33 3.66
C ARG A 38 20.98 25.44 2.87
N PHE A 39 21.16 24.50 1.94
CA PHE A 39 22.31 24.49 1.05
C PHE A 39 22.01 23.58 -0.12
N ASP A 40 22.17 24.09 -1.34
CA ASP A 40 21.91 23.34 -2.56
C ASP A 40 23.14 23.42 -3.45
N SER A 41 23.69 22.25 -3.80
CA SER A 41 24.90 22.18 -4.61
C SER A 41 24.67 22.63 -6.05
N ASP A 42 23.44 22.55 -6.54
CA ASP A 42 23.14 22.99 -7.90
C ASP A 42 23.26 24.50 -8.07
N ASN A 43 23.19 25.26 -6.99
CA ASN A 43 23.22 26.71 -7.11
C ASN A 43 24.57 27.18 -7.64
N ALA A 44 24.56 28.36 -8.25
CA ALA A 44 25.77 28.96 -8.80
C ALA A 44 26.65 29.45 -7.66
N SER A 45 27.83 28.83 -7.49
CA SER A 45 28.69 29.08 -6.34
C SER A 45 27.88 28.90 -5.06
N PRO A 46 27.55 27.68 -4.69
CA PRO A 46 26.55 27.46 -3.64
C PRO A 46 27.05 27.87 -2.26
N ARG A 47 26.19 28.56 -1.52
CA ARG A 47 26.47 29.00 -0.16
C ARG A 47 25.36 28.58 0.78
N ALA A 48 25.71 28.36 2.04
CA ALA A 48 24.71 28.08 3.07
C ALA A 48 23.89 29.34 3.32
N GLU A 49 22.56 29.18 3.36
CA GLU A 49 21.69 30.34 3.40
C GLU A 49 20.73 30.26 4.59
N PRO A 50 20.41 31.40 5.21
CA PRO A 50 19.44 31.39 6.32
C PRO A 50 18.03 31.18 5.81
N ARG A 51 17.22 30.51 6.63
CA ARG A 51 15.83 30.26 6.26
C ARG A 51 14.88 30.54 7.41
N ALA A 52 15.32 31.21 8.45
CA ALA A 52 14.50 31.56 9.60
C ALA A 52 14.81 33.00 9.98
N PRO A 53 13.89 33.68 10.65
CA PRO A 53 14.14 35.10 11.00
C PRO A 53 15.41 35.31 11.81
N TRP A 54 15.57 34.60 12.93
CA TRP A 54 16.70 34.85 13.83
C TRP A 54 18.04 34.54 13.18
N MET A 55 18.06 33.76 12.10
CA MET A 55 19.33 33.50 11.43
C MET A 55 19.83 34.73 10.68
N ASP A 56 18.95 35.70 10.41
CA ASP A 56 19.37 36.97 9.82
C ASP A 56 20.21 37.79 10.79
N LEU A 57 20.17 37.48 12.09
CA LEU A 57 20.94 38.18 13.10
C LEU A 57 22.16 37.40 13.56
N VAL A 58 22.39 36.19 13.06
CA VAL A 58 23.50 35.38 13.55
C VAL A 58 24.84 35.97 13.14
N GLU A 59 24.88 36.77 12.08
CA GLU A 59 26.15 37.30 11.59
C GLU A 59 26.79 38.30 12.56
N GLN A 60 26.01 38.97 13.40
CA GLN A 60 26.65 39.89 14.34
C GLN A 60 27.22 39.16 15.55
N GLN A 61 26.65 38.02 15.93
CA GLN A 61 27.26 37.23 17.01
C GLN A 61 28.43 36.40 16.52
N ASP A 62 28.37 35.97 15.27
CA ASP A 62 29.38 35.06 14.71
C ASP A 62 29.54 35.43 13.24
N PRO A 63 30.35 36.44 12.94
CA PRO A 63 30.51 36.87 11.53
C PRO A 63 31.16 35.82 10.64
N GLN A 64 31.73 34.77 11.22
CA GLN A 64 32.31 33.67 10.46
C GLN A 64 31.34 32.52 10.22
N TYR A 65 30.13 32.57 10.79
CA TYR A 65 29.21 31.44 10.71
C TYR A 65 28.97 30.98 9.27
N TRP A 66 28.69 31.94 8.39
CA TRP A 66 28.31 31.56 7.03
C TRP A 66 29.49 31.04 6.24
N ASP A 67 30.68 31.63 6.40
CA ASP A 67 31.86 31.11 5.74
C ASP A 67 32.19 29.71 6.25
N ARG A 68 32.17 29.54 7.57
CA ARG A 68 32.43 28.24 8.17
C ARG A 68 31.47 27.18 7.63
N ASN A 69 30.17 27.48 7.61
CA ASN A 69 29.19 26.48 7.22
C ASN A 69 29.15 26.26 5.71
N THR A 70 29.43 27.29 4.91
CA THR A 70 29.51 27.10 3.47
C THR A 70 30.65 26.16 3.11
N ARG A 71 31.79 26.30 3.77
CA ARG A 71 32.91 25.39 3.52
C ARG A 71 32.53 23.96 3.86
N ASN A 72 31.91 23.74 5.03
CA ASN A 72 31.56 22.40 5.44
C ASN A 72 30.56 21.76 4.50
N ALA A 73 29.54 22.52 4.06
CA ALA A 73 28.55 21.98 3.15
C ALA A 73 29.19 21.63 1.80
N ARG A 74 30.00 22.55 1.26
CA ARG A 74 30.72 22.24 0.03
C ARG A 74 31.59 21.01 0.20
N ASP A 75 32.16 20.81 1.39
CA ASP A 75 32.95 19.62 1.65
C ASP A 75 32.06 18.39 1.77
N ALA A 76 30.89 18.52 2.39
CA ALA A 76 29.95 17.41 2.47
C ALA A 76 29.45 17.01 1.09
N ALA A 77 29.18 17.99 0.23
CA ALA A 77 28.71 17.68 -1.12
C ALA A 77 29.73 16.84 -1.88
N GLN A 78 31.01 17.26 -1.86
CA GLN A 78 32.06 16.48 -2.51
C GLN A 78 32.14 15.08 -1.95
N THR A 79 31.99 14.94 -0.63
CA THR A 79 32.12 13.64 0.01
C THR A 79 31.03 12.67 -0.46
N TYR A 80 29.82 13.18 -0.69
CA TYR A 80 28.72 12.31 -1.08
C TYR A 80 28.63 12.10 -2.58
N ARG A 81 29.09 13.06 -3.38
CA ARG A 81 29.23 12.80 -4.82
C ARG A 81 30.13 11.61 -5.07
N VAL A 82 31.24 11.51 -4.34
CA VAL A 82 32.11 10.35 -4.42
C VAL A 82 31.43 9.13 -3.82
N GLY A 83 30.77 9.30 -2.67
CA GLY A 83 30.14 8.18 -2.00
C GLY A 83 29.08 7.50 -2.83
N LEU A 84 28.44 8.25 -3.73
CA LEU A 84 27.43 7.64 -4.59
C LEU A 84 28.05 6.52 -5.44
N ASP A 85 29.21 6.79 -6.06
CA ASP A 85 29.83 5.76 -6.89
C ASP A 85 30.49 4.67 -6.05
N ASN A 86 31.02 5.01 -4.87
CA ASN A 86 31.57 4.00 -3.99
C ASN A 86 30.51 2.96 -3.63
N VAL A 87 29.35 3.42 -3.17
CA VAL A 87 28.29 2.50 -2.76
C VAL A 87 27.76 1.72 -3.96
N ARG A 88 27.56 2.42 -5.07
CA ARG A 88 27.13 1.75 -6.29
C ARG A 88 28.11 0.63 -6.66
N GLY A 89 29.41 0.88 -6.48
CA GLY A 89 30.38 -0.19 -6.68
C GLY A 89 30.19 -1.34 -5.71
N TYR A 90 29.80 -1.04 -4.47
CA TYR A 90 29.60 -2.09 -3.49
C TYR A 90 28.49 -3.04 -3.92
N TYR A 91 27.45 -2.51 -4.56
CA TYR A 91 26.32 -3.32 -5.01
C TYR A 91 26.44 -3.76 -6.47
N ASN A 92 27.44 -3.25 -7.18
CA ASN A 92 27.61 -3.49 -8.62
C ASN A 92 26.35 -3.11 -9.40
N GLN A 93 25.81 -1.94 -9.08
CA GLN A 93 24.69 -1.41 -9.84
C GLN A 93 25.20 -0.68 -11.08
N SER A 94 24.33 -0.57 -12.08
CA SER A 94 24.71 0.08 -13.32
C SER A 94 24.85 1.59 -13.11
N GLU A 95 25.63 2.22 -13.99
CA GLU A 95 25.81 3.66 -13.95
C GLU A 95 24.62 4.43 -14.50
N ALA A 96 23.76 3.77 -15.28
CA ALA A 96 22.61 4.45 -15.87
C ALA A 96 21.46 4.63 -14.89
N GLY A 97 21.52 4.02 -13.72
CA GLY A 97 20.47 4.15 -12.72
C GLY A 97 20.75 5.24 -11.75
N SER A 98 19.69 5.93 -11.31
CA SER A 98 19.79 6.99 -10.32
C SER A 98 19.62 6.41 -8.93
N HIS A 99 20.47 6.86 -7.99
CA HIS A 99 20.47 6.36 -6.63
C HIS A 99 20.68 7.50 -5.65
N THR A 100 20.17 7.32 -4.44
CA THR A 100 20.11 8.38 -3.44
C THR A 100 20.80 7.95 -2.16
N ILE A 101 21.56 8.87 -1.58
CA ILE A 101 22.08 8.71 -0.22
C ILE A 101 21.41 9.77 0.64
N GLN A 102 20.90 9.35 1.80
CA GLN A 102 20.33 10.27 2.77
C GLN A 102 21.05 10.14 4.09
N ARG A 103 21.10 11.24 4.84
CA ARG A 103 21.72 11.24 6.15
C ARG A 103 20.92 12.15 7.07
N MET A 104 20.68 11.68 8.29
CA MET A 104 20.05 12.48 9.31
C MET A 104 20.90 12.38 10.56
N TYR A 105 21.30 13.53 11.11
CA TYR A 105 22.06 13.52 12.34
C TYR A 105 21.67 14.74 13.18
N GLY A 106 21.92 14.64 14.48
CA GLY A 106 21.62 15.74 15.36
C GLY A 106 21.64 15.30 16.81
N CYS A 107 21.08 16.16 17.67
CA CYS A 107 21.13 15.95 19.10
C CYS A 107 19.82 16.40 19.76
N ASP A 108 19.38 15.62 20.74
CA ASP A 108 18.29 16.01 21.63
C ASP A 108 18.90 16.53 22.93
N VAL A 109 18.39 17.65 23.41
CA VAL A 109 18.88 18.27 24.62
C VAL A 109 17.75 18.25 25.64
N GLY A 110 18.13 18.17 26.92
CA GLY A 110 17.17 18.15 28.00
C GLY A 110 16.88 19.54 28.50
N PRO A 111 16.02 19.65 29.51
CA PRO A 111 15.69 20.98 30.05
C PRO A 111 16.87 21.64 30.74
N HIS A 112 17.82 20.83 31.22
CA HIS A 112 19.00 21.34 31.90
C HIS A 112 20.02 21.96 30.94
N GLY A 113 19.99 21.58 29.67
CA GLY A 113 20.99 21.99 28.71
C GLY A 113 22.02 20.95 28.37
N ARG A 114 21.87 19.72 28.87
CA ARG A 114 22.80 18.64 28.58
C ARG A 114 22.19 17.69 27.56
N LEU A 115 23.06 16.88 26.95
CA LEU A 115 22.65 15.97 25.89
C LEU A 115 21.84 14.80 26.45
N LEU A 116 20.76 14.46 25.74
CA LEU A 116 19.97 13.26 26.01
C LEU A 116 20.29 12.12 25.05
N ARG A 117 20.20 12.39 23.75
CA ARG A 117 20.47 11.42 22.70
C ARG A 117 21.24 12.11 21.58
N GLY A 118 22.24 11.42 21.05
CA GLY A 118 22.87 11.79 19.80
C GLY A 118 22.54 10.73 18.77
N TYR A 119 22.47 11.13 17.50
CA TYR A 119 22.12 10.15 16.48
C TYR A 119 22.74 10.55 15.15
N ASP A 120 23.01 9.54 14.35
CA ASP A 120 23.51 9.69 12.98
C ASP A 120 23.10 8.45 12.21
N GLN A 121 22.24 8.60 11.21
CA GLN A 121 21.75 7.49 10.42
C GLN A 121 21.82 7.83 8.95
N LEU A 122 22.09 6.80 8.14
CA LEU A 122 22.15 6.97 6.69
C LEU A 122 21.28 5.93 6.00
N ALA A 123 20.65 6.35 4.92
CA ALA A 123 19.90 5.46 4.06
C ALA A 123 20.50 5.46 2.67
N TYR A 124 20.24 4.37 1.94
CA TYR A 124 20.60 4.27 0.53
C TYR A 124 19.38 3.79 -0.22
N ASP A 125 18.92 4.60 -1.17
CA ASP A 125 17.71 4.31 -1.94
C ASP A 125 16.50 4.12 -1.02
N GLY A 126 16.47 4.88 0.07
CA GLY A 126 15.31 4.87 0.94
C GLY A 126 15.25 3.72 1.92
N ALA A 127 16.36 3.02 2.14
CA ALA A 127 16.42 1.94 3.12
C ALA A 127 17.65 2.12 3.97
N ASP A 128 17.54 1.76 5.26
CA ASP A 128 18.65 1.84 6.19
C ASP A 128 19.92 1.28 5.58
N TYR A 129 21.01 2.03 5.71
CA TYR A 129 22.31 1.60 5.21
C TYR A 129 23.31 1.42 6.33
N ILE A 130 23.55 2.46 7.13
CA ILE A 130 24.45 2.38 8.27
C ILE A 130 24.01 3.43 9.28
N ALA A 131 24.21 3.14 10.56
CA ALA A 131 23.75 4.02 11.62
C ALA A 131 24.70 3.95 12.80
N LEU A 132 24.89 5.10 13.45
CA LEU A 132 25.69 5.14 14.67
C LEU A 132 24.89 4.55 15.83
N ASN A 133 25.54 3.69 16.62
CA ASN A 133 24.87 3.07 17.75
C ASN A 133 24.62 4.09 18.85
N GLU A 134 23.78 3.71 19.82
CA GLU A 134 23.42 4.62 20.91
C GLU A 134 24.63 4.97 21.75
N ASP A 135 25.63 4.09 21.84
CA ASP A 135 26.83 4.38 22.59
C ASP A 135 27.70 5.42 21.90
N LEU A 136 27.38 5.79 20.65
CA LEU A 136 28.19 6.70 19.84
C LEU A 136 29.62 6.19 19.66
N ARG A 137 29.82 4.88 19.80
CA ARG A 137 31.15 4.28 19.73
C ARG A 137 31.35 3.37 18.52
N SER A 138 30.29 2.73 18.02
CA SER A 138 30.40 1.79 16.92
C SER A 138 29.24 2.00 15.95
N TRP A 139 29.33 1.35 14.80
CA TRP A 139 28.32 1.45 13.74
C TRP A 139 27.57 0.15 13.57
N THR A 140 26.43 0.23 12.90
CA THR A 140 25.60 -0.92 12.58
C THR A 140 25.29 -0.88 11.08
N ALA A 141 25.97 -1.71 10.31
CA ALA A 141 25.73 -1.79 8.89
C ALA A 141 24.52 -2.68 8.61
N ALA A 142 23.68 -2.25 7.67
CA ALA A 142 22.39 -2.89 7.45
C ALA A 142 22.47 -4.10 6.52
N ASP A 143 23.40 -4.13 5.58
CA ASP A 143 23.57 -5.28 4.71
C ASP A 143 25.05 -5.47 4.41
N LEU A 144 25.34 -6.45 3.55
CA LEU A 144 26.74 -6.84 3.30
C LEU A 144 27.53 -5.71 2.66
N ALA A 145 26.93 -5.00 1.70
CA ALA A 145 27.61 -3.89 1.06
C ALA A 145 27.91 -2.76 2.04
N ALA A 146 27.05 -2.56 3.03
CA ALA A 146 27.28 -1.49 4.00
C ALA A 146 28.46 -1.79 4.92
N GLN A 147 28.78 -3.08 5.11
CA GLN A 147 29.94 -3.43 5.92
C GLN A 147 31.22 -2.87 5.34
N ASN A 148 31.26 -2.65 4.02
CA ASN A 148 32.38 -1.92 3.42
C ASN A 148 32.55 -0.55 4.07
N THR A 149 31.44 0.17 4.24
CA THR A 149 31.53 1.50 4.82
C THR A 149 31.89 1.44 6.30
N ARG A 150 31.36 0.46 7.04
CA ARG A 150 31.66 0.40 8.46
C ARG A 150 33.14 0.10 8.70
N ARG A 151 33.70 -0.83 7.92
CA ARG A 151 35.12 -1.13 8.06
C ARG A 151 35.97 0.11 7.79
N LYS A 152 35.67 0.82 6.71
CA LYS A 152 36.38 2.05 6.41
C LYS A 152 36.20 3.08 7.52
N TRP A 153 35.00 3.17 8.09
CA TRP A 153 34.74 4.16 9.12
C TRP A 153 35.31 3.75 10.47
N GLU A 154 35.35 2.44 10.75
CA GLU A 154 36.00 1.97 11.97
C GLU A 154 37.50 2.22 11.94
N GLU A 155 38.14 1.88 10.82
CA GLU A 155 39.58 2.02 10.72
C GLU A 155 40.01 3.48 10.70
N ALA A 156 39.10 4.40 10.41
CA ALA A 156 39.41 5.82 10.33
C ALA A 156 39.07 6.58 11.61
N GLY A 157 38.55 5.90 12.63
CA GLY A 157 38.16 6.58 13.86
C GLY A 157 37.09 7.62 13.67
N TYR A 158 36.11 7.34 12.81
CA TYR A 158 35.07 8.32 12.51
C TYR A 158 34.10 8.48 13.69
N ALA A 159 33.73 7.38 14.34
CA ALA A 159 32.76 7.44 15.43
C ALA A 159 33.20 8.43 16.51
N GLU A 160 34.49 8.41 16.87
CA GLU A 160 34.98 9.32 17.90
C GLU A 160 34.82 10.78 17.47
N ARG A 161 35.01 11.05 16.18
CA ARG A 161 34.81 12.40 15.68
C ARG A 161 33.33 12.75 15.61
N ASP A 162 32.50 11.79 15.21
CA ASP A 162 31.05 11.99 15.24
C ASP A 162 30.59 12.32 16.65
N ARG A 163 30.90 11.42 17.60
CA ARG A 163 30.54 11.62 19.00
C ARG A 163 31.00 12.98 19.52
N ALA A 164 32.22 13.39 19.16
CA ALA A 164 32.72 14.69 19.61
C ALA A 164 31.83 15.82 19.11
N TYR A 165 31.39 15.74 17.86
CA TYR A 165 30.47 16.74 17.33
C TYR A 165 29.13 16.71 18.05
N LEU A 166 28.57 15.50 18.21
CA LEU A 166 27.21 15.37 18.75
C LEU A 166 27.14 15.85 20.20
N GLU A 167 28.11 15.48 21.03
CA GLU A 167 28.16 15.95 22.39
C GLU A 167 28.67 17.39 22.51
N GLY A 168 29.27 17.93 21.45
CA GLY A 168 29.95 19.20 21.50
C GLY A 168 29.25 20.33 20.79
N GLU A 169 29.64 20.56 19.53
CA GLU A 169 29.08 21.68 18.76
C GLU A 169 27.56 21.59 18.64
N CYS A 170 27.03 20.37 18.46
CA CYS A 170 25.58 20.21 18.29
C CYS A 170 24.83 20.76 19.51
N VAL A 171 25.23 20.33 20.70
CA VAL A 171 24.61 20.84 21.92
C VAL A 171 24.77 22.35 22.01
N GLU A 172 26.00 22.83 21.78
CA GLU A 172 26.27 24.25 21.92
C GLU A 172 25.47 25.08 20.93
N TRP A 173 25.34 24.61 19.69
CA TRP A 173 24.64 25.40 18.69
C TRP A 173 23.13 25.30 18.82
N LEU A 174 22.61 24.17 19.32
CA LEU A 174 21.20 24.13 19.67
C LEU A 174 20.87 25.18 20.72
N LEU A 175 21.70 25.30 21.75
CA LEU A 175 21.43 26.28 22.80
C LEU A 175 21.55 27.71 22.27
N LYS A 176 22.52 27.96 21.39
CA LYS A 176 22.64 29.28 20.79
C LYS A 176 21.41 29.62 19.95
N HIS A 177 20.93 28.67 19.15
CA HIS A 177 19.75 28.92 18.34
C HIS A 177 18.51 29.11 19.20
N LEU A 178 18.38 28.32 20.28
CA LEU A 178 17.19 28.43 21.14
C LEU A 178 17.08 29.82 21.75
N GLU A 179 18.21 30.44 22.07
CA GLU A 179 18.17 31.78 22.65
C GLU A 179 17.92 32.84 21.58
N ASN A 180 18.61 32.75 20.44
CA ASN A 180 18.43 33.77 19.41
C ASN A 180 17.08 33.63 18.71
N GLY A 181 16.55 32.42 18.62
CA GLY A 181 15.26 32.23 17.99
C GLY A 181 14.14 32.08 19.00
N ARG A 182 14.39 32.56 20.23
CA ARG A 182 13.46 32.37 21.34
C ARG A 182 12.01 32.70 20.97
N GLU A 183 11.79 33.80 20.26
CA GLU A 183 10.41 34.19 19.96
C GLU A 183 9.75 33.23 18.99
N THR A 184 10.54 32.53 18.16
CA THR A 184 10.02 31.57 17.20
C THR A 184 9.98 30.16 17.78
N LEU A 185 11.07 29.73 18.43
CA LEU A 185 11.18 28.33 18.82
C LEU A 185 10.50 28.03 20.15
N LEU A 186 10.49 28.97 21.08
CA LEU A 186 9.93 28.73 22.41
C LEU A 186 8.48 29.18 22.53
N ARG A 187 7.82 29.45 21.41
CA ARG A 187 6.40 29.78 21.45
C ARG A 187 5.57 28.51 21.43
N ALA A 188 4.38 28.59 22.02
CA ALA A 188 3.39 27.52 21.94
C ALA A 188 2.14 28.18 21.38
N ASP A 189 2.05 28.24 20.06
CA ASP A 189 0.92 28.89 19.41
C ASP A 189 -0.29 27.96 19.39
N PRO A 190 -1.37 28.29 20.08
CA PRO A 190 -2.52 27.39 20.13
C PRO A 190 -3.22 27.36 18.78
N PRO A 191 -3.98 26.31 18.50
CA PRO A 191 -4.73 26.25 17.24
C PRO A 191 -5.92 27.20 17.25
N LYS A 192 -6.16 27.83 16.10
CA LYS A 192 -7.41 28.52 15.85
C LYS A 192 -8.43 27.47 15.40
N THR A 193 -9.40 27.17 16.25
CA THR A 193 -10.29 26.05 16.01
C THR A 193 -11.70 26.50 15.70
N HIS A 194 -12.39 25.71 14.86
CA HIS A 194 -13.78 25.93 14.52
C HIS A 194 -14.30 24.68 13.81
N ILE A 195 -15.62 24.55 13.78
CA ILE A 195 -16.31 23.45 13.11
C ILE A 195 -17.01 24.00 11.88
N THR A 196 -16.93 23.25 10.77
CA THR A 196 -17.69 23.58 9.58
C THR A 196 -18.69 22.46 9.29
N HIS A 197 -19.72 22.82 8.54
CA HIS A 197 -20.94 22.02 8.40
C HIS A 197 -21.29 21.94 6.93
N HIS A 198 -21.30 20.73 6.38
CA HIS A 198 -21.48 20.53 4.94
C HIS A 198 -22.57 19.48 4.71
N PRO A 199 -23.77 19.89 4.35
CA PRO A 199 -24.83 18.91 4.02
C PRO A 199 -24.45 18.16 2.75
N ILE A 200 -24.60 16.84 2.79
CA ILE A 200 -24.36 16.04 1.59
C ILE A 200 -25.69 15.58 1.02
N SER A 201 -26.69 15.46 1.88
CA SER A 201 -28.02 15.04 1.45
C SER A 201 -29.05 15.63 2.41
N ASP A 202 -30.31 15.23 2.24
CA ASP A 202 -31.35 15.65 3.18
C ASP A 202 -31.23 14.93 4.52
N ARG A 203 -30.50 13.81 4.58
CA ARG A 203 -30.42 12.99 5.78
C ARG A 203 -29.02 12.84 6.35
N GLU A 204 -27.99 13.35 5.68
CA GLU A 204 -26.62 13.24 6.18
C GLU A 204 -25.88 14.55 5.98
N VAL A 205 -25.00 14.88 6.93
CA VAL A 205 -24.16 16.05 6.86
C VAL A 205 -22.74 15.67 7.25
N THR A 206 -21.78 16.44 6.77
CA THR A 206 -20.39 16.34 7.21
C THR A 206 -20.11 17.41 8.25
N LEU A 207 -19.52 17.01 9.37
CA LEU A 207 -19.01 17.93 10.38
C LEU A 207 -17.50 17.83 10.36
N ARG A 208 -16.82 18.96 10.17
CA ARG A 208 -15.36 18.99 10.08
C ARG A 208 -14.79 19.91 11.15
N CYS A 209 -13.87 19.38 11.94
CA CYS A 209 -13.25 20.12 13.04
C CYS A 209 -11.86 20.56 12.63
N TRP A 210 -11.62 21.87 12.64
CA TRP A 210 -10.41 22.45 12.10
C TRP A 210 -9.46 22.92 13.20
N ALA A 211 -8.16 22.80 12.93
CA ALA A 211 -7.11 23.35 13.78
C ALA A 211 -6.10 24.05 12.87
N LEU A 212 -5.92 25.35 13.07
CA LEU A 212 -5.15 26.18 12.14
C LEU A 212 -4.08 26.98 12.85
N GLY A 213 -2.92 27.10 12.21
CA GLY A 213 -1.89 28.02 12.65
C GLY A 213 -1.23 27.69 13.97
N PHE A 214 -1.12 26.41 14.30
CA PHE A 214 -0.53 26.02 15.57
C PHE A 214 0.91 25.55 15.40
N TYR A 215 1.71 25.77 16.45
CA TYR A 215 3.10 25.36 16.52
C TYR A 215 3.32 25.06 17.99
N PRO A 216 4.00 23.96 18.34
CA PRO A 216 4.60 22.90 17.51
C PRO A 216 3.61 22.04 16.75
N GLU A 217 4.14 21.09 15.98
CA GLU A 217 3.34 20.27 15.09
C GLU A 217 2.46 19.27 15.83
N GLU A 218 2.85 18.88 17.04
CA GLU A 218 2.12 17.86 17.79
C GLU A 218 0.74 18.37 18.20
N ILE A 219 -0.29 17.57 17.94
CA ILE A 219 -1.67 17.95 18.27
C ILE A 219 -2.52 16.70 18.23
N THR A 220 -3.67 16.74 18.92
CA THR A 220 -4.63 15.63 18.90
C THR A 220 -6.04 16.17 18.65
N LEU A 221 -6.69 15.62 17.64
CA LEU A 221 -8.07 15.94 17.31
C LEU A 221 -8.91 14.68 17.42
N THR A 222 -9.97 14.72 18.21
CA THR A 222 -10.89 13.61 18.32
C THR A 222 -12.32 14.10 18.24
N TRP A 223 -13.18 13.28 17.66
CA TRP A 223 -14.61 13.48 17.67
C TRP A 223 -15.24 12.56 18.70
N GLN A 224 -16.27 13.03 19.38
CA GLN A 224 -16.98 12.25 20.38
C GLN A 224 -18.47 12.28 20.11
N HIS A 225 -19.13 11.16 20.42
CA HIS A 225 -20.58 11.00 20.28
C HIS A 225 -21.13 10.70 21.66
N ASP A 226 -21.68 11.73 22.31
CA ASP A 226 -22.19 11.72 23.68
C ASP A 226 -21.10 11.51 24.71
N GLY A 227 -19.85 11.34 24.29
CA GLY A 227 -18.76 11.01 25.19
C GLY A 227 -17.99 9.79 24.72
N GLU A 228 -18.36 9.25 23.56
CA GLU A 228 -17.77 8.03 23.02
C GLU A 228 -16.85 8.39 21.86
N ASP A 229 -15.61 7.88 21.91
CA ASP A 229 -14.64 8.23 20.89
C ASP A 229 -15.06 7.66 19.53
N GLN A 230 -14.55 8.30 18.48
CA GLN A 230 -15.10 8.11 17.13
C GLN A 230 -14.01 7.91 16.09
N THR A 231 -12.85 7.39 16.50
CA THR A 231 -11.67 7.41 15.63
C THR A 231 -11.89 6.61 14.35
N GLN A 232 -12.54 5.45 14.45
CA GLN A 232 -12.76 4.64 13.26
C GLN A 232 -13.73 5.30 12.29
N GLU A 233 -14.70 6.06 12.80
CA GLU A 233 -15.72 6.66 11.95
C GLU A 233 -15.28 7.98 11.32
N MET A 234 -14.20 8.59 11.79
CA MET A 234 -13.79 9.91 11.33
C MET A 234 -12.62 9.82 10.34
N GLU A 235 -12.54 10.83 9.47
CA GLU A 235 -11.42 11.00 8.57
C GLU A 235 -10.48 12.03 9.15
N LEU A 236 -9.23 11.62 9.39
CA LEU A 236 -8.22 12.47 10.02
C LEU A 236 -7.08 12.65 9.03
N VAL A 237 -6.90 13.87 8.53
CA VAL A 237 -5.83 14.13 7.57
C VAL A 237 -4.50 14.26 8.30
N GLU A 238 -3.42 14.03 7.56
CA GLU A 238 -2.08 14.14 8.11
C GLU A 238 -1.74 15.62 8.32
N THR A 239 -1.14 15.94 9.46
CA THR A 239 -0.79 17.30 9.78
C THR A 239 0.09 17.88 8.69
N ARG A 240 -0.23 19.11 8.28
CA ARG A 240 0.39 19.73 7.11
C ARG A 240 0.88 21.14 7.44
N PRO A 241 1.93 21.60 6.78
CA PRO A 241 2.40 22.97 7.00
C PRO A 241 1.53 23.98 6.29
N ASP A 242 1.40 25.17 6.90
CA ASP A 242 0.58 26.21 6.31
C ASP A 242 1.37 27.17 5.43
N GLY A 243 2.70 27.04 5.40
CA GLY A 243 3.53 27.91 4.61
C GLY A 243 4.03 29.14 5.33
N ASN A 244 3.56 29.38 6.55
CA ASN A 244 4.00 30.51 7.36
C ASN A 244 4.68 30.06 8.65
N GLY A 245 5.23 28.85 8.67
CA GLY A 245 5.90 28.35 9.85
C GLY A 245 5.01 27.67 10.86
N ALA A 246 3.73 27.45 10.56
CA ALA A 246 2.83 26.77 11.48
C ALA A 246 2.15 25.59 10.78
N PHE A 247 1.18 24.97 11.44
CA PHE A 247 0.62 23.73 10.93
C PHE A 247 -0.90 23.77 10.97
N GLN A 248 -1.52 22.85 10.23
CA GLN A 248 -2.96 22.68 10.20
C GLN A 248 -3.30 21.20 10.33
N LYS A 249 -4.55 20.94 10.69
CA LYS A 249 -5.07 19.58 10.80
C LYS A 249 -6.58 19.67 10.92
N TRP A 250 -7.28 18.70 10.33
CA TRP A 250 -8.71 18.58 10.60
C TRP A 250 -9.12 17.13 10.68
N ALA A 251 -10.27 16.92 11.32
CA ALA A 251 -10.93 15.64 11.45
C ALA A 251 -12.39 15.83 11.12
N ALA A 252 -12.91 15.04 10.18
CA ALA A 252 -14.29 15.17 9.75
C ALA A 252 -15.06 13.89 10.04
N LEU A 253 -16.37 14.02 10.07
CA LEU A 253 -17.24 12.93 10.52
C LEU A 253 -18.60 13.10 9.84
N VAL A 254 -19.10 12.02 9.25
CA VAL A 254 -20.42 12.02 8.62
C VAL A 254 -21.46 11.71 9.68
N VAL A 255 -22.53 12.50 9.72
CA VAL A 255 -23.43 12.52 10.86
C VAL A 255 -24.88 12.65 10.38
N PRO A 256 -25.84 11.99 11.04
CA PRO A 256 -27.24 12.10 10.61
C PRO A 256 -27.77 13.53 10.77
N SER A 257 -28.66 13.90 9.86
CA SER A 257 -29.04 15.29 9.64
C SER A 257 -29.75 15.94 10.83
N GLY A 258 -30.15 15.18 11.84
CA GLY A 258 -30.73 15.76 13.04
C GLY A 258 -29.90 15.61 14.29
N GLU A 259 -28.70 15.05 14.20
CA GLU A 259 -27.93 14.64 15.38
C GLU A 259 -26.66 15.47 15.59
N GLU A 260 -26.51 16.59 14.87
CA GLU A 260 -25.28 17.38 15.00
C GLU A 260 -25.03 17.79 16.45
N GLN A 261 -26.09 18.16 17.18
CA GLN A 261 -25.94 18.63 18.55
C GLN A 261 -25.34 17.60 19.50
N ARG A 262 -25.31 16.33 19.10
CA ARG A 262 -24.85 15.26 19.97
C ARG A 262 -23.36 14.94 19.81
N TYR A 263 -22.66 15.63 18.92
CA TYR A 263 -21.24 15.38 18.70
C TYR A 263 -20.41 16.57 19.16
N THR A 264 -19.25 16.28 19.76
CA THR A 264 -18.30 17.29 20.18
C THR A 264 -16.93 17.00 19.58
N CYS A 265 -16.18 18.07 19.32
CA CYS A 265 -14.79 17.96 18.90
C CYS A 265 -13.87 18.37 20.03
N HIS A 266 -12.76 17.65 20.19
CA HIS A 266 -11.84 17.88 21.29
C HIS A 266 -10.44 18.11 20.76
N VAL A 267 -9.81 19.19 21.19
CA VAL A 267 -8.51 19.62 20.70
C VAL A 267 -7.57 19.78 21.89
N GLN A 268 -6.47 19.03 21.90
CA GLN A 268 -5.43 19.24 22.89
C GLN A 268 -4.14 19.62 22.17
N HIS A 269 -3.48 20.64 22.69
CA HIS A 269 -2.25 21.17 22.10
C HIS A 269 -1.52 21.95 23.19
N GLU A 270 -0.19 21.97 23.09
CA GLU A 270 0.62 22.54 24.16
C GLU A 270 0.30 24.00 24.40
N GLY A 271 -0.13 24.73 23.38
CA GLY A 271 -0.47 26.12 23.57
C GLY A 271 -1.79 26.38 24.25
N LEU A 272 -2.59 25.34 24.47
CA LEU A 272 -3.91 25.55 25.03
C LEU A 272 -3.85 25.46 26.55
N PRO A 273 -4.40 26.45 27.26
CA PRO A 273 -4.48 26.34 28.74
C PRO A 273 -5.29 25.15 29.17
N GLN A 274 -6.45 24.92 28.54
CA GLN A 274 -7.26 23.74 28.77
C GLN A 274 -7.58 23.11 27.42
N PRO A 275 -7.79 21.79 27.39
CA PRO A 275 -8.29 21.16 26.16
C PRO A 275 -9.60 21.81 25.73
N LEU A 276 -9.76 21.97 24.42
CA LEU A 276 -10.93 22.64 23.88
C LEU A 276 -12.00 21.62 23.52
N THR A 277 -13.24 21.93 23.88
CA THR A 277 -14.41 21.16 23.46
C THR A 277 -15.29 22.08 22.63
N LEU A 278 -15.54 21.69 21.38
CA LEU A 278 -16.37 22.46 20.47
C LEU A 278 -17.61 21.66 20.10
N ARG A 279 -18.68 22.37 19.76
CA ARG A 279 -19.93 21.76 19.37
C ARG A 279 -20.60 22.63 18.32
N TRP A 280 -21.21 22.00 17.32
CA TRP A 280 -22.00 22.71 16.34
C TRP A 280 -23.35 23.10 16.92
N ILE B 1 13.28 0.55 -3.51
CA ILE B 1 12.30 1.18 -2.63
C ILE B 1 11.73 2.43 -3.29
N GLN B 2 10.50 2.33 -3.79
CA GLN B 2 9.80 3.45 -4.38
C GLN B 2 8.48 3.65 -3.65
N ARG B 3 8.11 4.92 -3.46
CA ARG B 3 6.92 5.28 -2.72
C ARG B 3 6.14 6.34 -3.48
N THR B 4 4.85 6.09 -3.68
CA THR B 4 3.99 7.05 -4.35
C THR B 4 3.68 8.22 -3.42
N PRO B 5 3.54 9.43 -3.96
CA PRO B 5 3.35 10.60 -3.10
C PRO B 5 1.92 10.77 -2.63
N LYS B 6 1.77 11.24 -1.40
CA LYS B 6 0.48 11.69 -0.89
C LYS B 6 0.34 13.18 -1.18
N ILE B 7 -0.89 13.61 -1.48
CA ILE B 7 -1.14 14.97 -1.90
C ILE B 7 -2.27 15.56 -1.06
N GLN B 8 -2.06 16.78 -0.59
CA GLN B 8 -3.12 17.63 -0.05
C GLN B 8 -3.03 18.99 -0.72
N VAL B 9 -4.16 19.49 -1.20
CA VAL B 9 -4.28 20.86 -1.69
C VAL B 9 -5.13 21.62 -0.68
N TYR B 10 -4.73 22.86 -0.39
CA TYR B 10 -5.40 23.65 0.65
C TYR B 10 -4.85 25.07 0.62
N SER B 11 -5.52 25.95 1.36
CA SER B 11 -5.12 27.34 1.49
C SER B 11 -4.58 27.59 2.90
N ARG B 12 -3.68 28.57 3.00
CA ARG B 12 -3.13 28.94 4.29
C ARG B 12 -4.21 29.40 5.25
N HIS B 13 -5.06 30.31 4.81
CA HIS B 13 -6.16 30.85 5.58
C HIS B 13 -7.49 30.38 4.98
N PRO B 14 -8.56 30.38 5.78
CA PRO B 14 -9.87 30.03 5.22
C PRO B 14 -10.24 30.95 4.06
N ALA B 15 -10.78 30.34 3.00
CA ALA B 15 -10.97 31.04 1.74
C ALA B 15 -12.09 32.07 1.86
N GLU B 16 -11.74 33.34 1.72
CA GLU B 16 -12.71 34.44 1.60
C GLU B 16 -12.48 35.10 0.24
N ASN B 17 -13.49 35.04 -0.62
CA ASN B 17 -13.38 35.56 -1.98
C ASN B 17 -12.93 37.02 -1.98
N GLY B 18 -12.01 37.34 -2.88
CA GLY B 18 -11.49 38.68 -3.01
C GLY B 18 -10.33 39.04 -2.12
N LYS B 19 -10.04 38.22 -1.11
CA LYS B 19 -8.92 38.48 -0.21
C LYS B 19 -7.72 37.64 -0.62
N SER B 20 -6.54 38.27 -0.62
CA SER B 20 -5.33 37.56 -1.01
C SER B 20 -5.04 36.42 -0.04
N ASN B 21 -4.57 35.31 -0.58
CA ASN B 21 -4.30 34.10 0.20
C ASN B 21 -3.08 33.40 -0.39
N PHE B 22 -2.85 32.16 0.05
CA PHE B 22 -1.79 31.32 -0.48
C PHE B 22 -2.36 29.95 -0.78
N LEU B 23 -2.14 29.47 -2.01
CA LEU B 23 -2.56 28.13 -2.40
C LEU B 23 -1.42 27.16 -2.15
N ASN B 24 -1.70 26.09 -1.41
CA ASN B 24 -0.68 25.14 -0.98
C ASN B 24 -0.93 23.76 -1.58
N CYS B 25 0.14 23.14 -2.08
CA CYS B 25 0.12 21.73 -2.44
C CYS B 25 1.23 21.03 -1.68
N TYR B 26 0.86 20.19 -0.72
CA TYR B 26 1.79 19.50 0.14
C TYR B 26 1.89 18.05 -0.33
N VAL B 27 3.07 17.68 -0.82
CA VAL B 27 3.33 16.33 -1.32
C VAL B 27 4.31 15.66 -0.38
N SER B 28 3.98 14.45 0.06
CA SER B 28 4.73 13.80 1.12
C SER B 28 4.74 12.30 0.89
N GLY B 29 5.66 11.63 1.58
CA GLY B 29 5.70 10.18 1.57
C GLY B 29 6.24 9.55 0.30
N PHE B 30 6.94 10.31 -0.54
CA PHE B 30 7.43 9.78 -1.80
C PHE B 30 8.93 9.50 -1.76
N HIS B 31 9.38 8.64 -2.69
CA HIS B 31 10.77 8.28 -2.90
C HIS B 31 10.91 7.63 -4.28
N PRO B 32 11.89 8.04 -5.10
CA PRO B 32 12.93 9.04 -4.81
C PRO B 32 12.43 10.48 -4.91
N SER B 33 13.36 11.44 -4.84
CA SER B 33 13.01 12.83 -4.58
C SER B 33 12.57 13.60 -5.81
N ASP B 34 12.97 13.18 -7.00
CA ASP B 34 12.56 13.88 -8.22
C ASP B 34 11.05 13.82 -8.37
N ILE B 35 10.41 14.99 -8.41
CA ILE B 35 8.96 15.07 -8.49
C ILE B 35 8.58 16.32 -9.27
N GLU B 36 7.43 16.27 -9.94
CA GLU B 36 6.92 17.38 -10.73
C GLU B 36 5.60 17.83 -10.13
N VAL B 37 5.54 19.07 -9.68
CA VAL B 37 4.33 19.62 -9.05
C VAL B 37 4.02 20.97 -9.70
N ASP B 38 2.84 21.07 -10.30
CA ASP B 38 2.34 22.32 -10.85
C ASP B 38 1.04 22.71 -10.16
N LEU B 39 0.81 24.01 -10.04
CA LEU B 39 -0.44 24.54 -9.53
C LEU B 39 -1.24 25.11 -10.69
N LEU B 40 -2.49 24.67 -10.84
CA LEU B 40 -3.32 24.98 -11.99
C LEU B 40 -4.42 25.95 -11.61
N LYS B 41 -4.69 26.89 -12.51
CA LYS B 41 -5.82 27.82 -12.40
C LYS B 41 -6.67 27.63 -13.65
N ASN B 42 -7.83 26.99 -13.49
CA ASN B 42 -8.72 26.66 -14.60
C ASN B 42 -8.00 25.83 -15.65
N GLY B 43 -7.16 24.89 -15.21
CA GLY B 43 -6.47 23.98 -16.08
C GLY B 43 -5.15 24.45 -16.65
N GLU B 44 -4.77 25.69 -16.39
CA GLU B 44 -3.55 26.28 -16.92
C GLU B 44 -2.51 26.45 -15.82
N ARG B 45 -1.27 26.11 -16.14
CA ARG B 45 -0.18 26.15 -15.18
C ARG B 45 0.08 27.58 -14.70
N ILE B 46 0.20 27.74 -13.38
CA ILE B 46 0.60 29.01 -12.79
C ILE B 46 2.12 29.07 -12.79
N GLU B 47 2.69 30.19 -13.23
CA GLU B 47 4.11 30.21 -13.57
C GLU B 47 5.02 30.55 -12.40
N LYS B 48 4.58 31.43 -11.49
CA LYS B 48 5.42 31.81 -10.35
C LYS B 48 5.02 30.96 -9.15
N VAL B 49 5.45 29.71 -9.17
CA VAL B 49 5.24 28.77 -8.08
C VAL B 49 6.57 28.55 -7.36
N GLU B 50 6.55 28.65 -6.04
CA GLU B 50 7.72 28.38 -5.22
C GLU B 50 7.50 27.10 -4.42
N HIS B 51 8.59 26.60 -3.84
CA HIS B 51 8.50 25.37 -3.06
C HIS B 51 9.50 25.40 -1.92
N SER B 52 9.17 24.68 -0.86
CA SER B 52 10.05 24.56 0.29
C SER B 52 11.29 23.75 -0.06
N ASP B 53 12.26 23.77 0.84
CA ASP B 53 13.49 23.02 0.66
C ASP B 53 13.26 21.54 0.93
N LEU B 54 13.86 20.69 0.10
CA LEU B 54 13.67 19.26 0.20
C LEU B 54 14.12 18.71 1.55
N SER B 55 13.23 17.98 2.22
CA SER B 55 13.55 17.25 3.45
C SER B 55 12.78 15.93 3.44
N PHE B 56 12.92 15.17 4.52
CA PHE B 56 12.33 13.83 4.59
C PHE B 56 12.02 13.48 6.04
N SER B 57 11.19 12.44 6.21
CA SER B 57 10.70 12.01 7.50
C SER B 57 11.55 10.86 8.04
N LYS B 58 11.19 10.38 9.23
CA LYS B 58 11.97 9.33 9.87
C LYS B 58 12.05 8.08 9.00
N ASP B 59 11.04 7.81 8.17
CA ASP B 59 11.06 6.65 7.30
C ASP B 59 11.75 6.92 5.96
N TRP B 60 12.48 8.03 5.84
CA TRP B 60 13.30 8.43 4.69
C TRP B 60 12.49 8.90 3.48
N SER B 61 11.17 8.99 3.58
CA SER B 61 10.37 9.49 2.48
C SER B 61 10.35 11.01 2.48
N PHE B 62 10.39 11.61 1.30
CA PHE B 62 10.52 13.06 1.18
C PHE B 62 9.17 13.75 1.30
N TYR B 63 9.22 15.05 1.61
CA TYR B 63 8.04 15.89 1.58
C TYR B 63 8.41 17.28 1.09
N LEU B 64 7.45 17.91 0.41
CA LEU B 64 7.66 19.23 -0.16
C LEU B 64 6.35 20.00 -0.09
N LEU B 65 6.45 21.32 0.06
CA LEU B 65 5.31 22.21 0.01
C LEU B 65 5.48 23.15 -1.18
N TYR B 66 4.56 23.08 -2.13
CA TYR B 66 4.49 24.04 -3.23
C TYR B 66 3.41 25.07 -2.92
N TYR B 67 3.69 26.34 -3.23
CA TYR B 67 2.77 27.41 -2.86
C TYR B 67 2.90 28.57 -3.83
N THR B 68 1.83 29.37 -3.90
CA THR B 68 1.82 30.62 -4.63
C THR B 68 0.70 31.51 -4.09
N GLU B 69 0.94 32.82 -4.09
CA GLU B 69 -0.11 33.76 -3.75
C GLU B 69 -1.26 33.64 -4.73
N PHE B 70 -2.48 33.64 -4.21
CA PHE B 70 -3.65 33.71 -5.07
C PHE B 70 -4.77 34.43 -4.32
N THR B 71 -5.69 35.00 -5.09
CA THR B 71 -6.87 35.64 -4.53
C THR B 71 -8.09 34.82 -4.95
N PRO B 72 -8.64 34.00 -4.07
CA PRO B 72 -9.74 33.13 -4.47
C PRO B 72 -10.97 33.93 -4.85
N THR B 73 -11.78 33.34 -5.71
CA THR B 73 -13.07 33.89 -6.09
C THR B 73 -13.99 32.73 -6.38
N GLU B 74 -15.25 33.05 -6.65
CA GLU B 74 -16.16 32.02 -7.14
C GLU B 74 -15.80 31.67 -8.58
N LYS B 75 -16.09 30.42 -8.95
CA LYS B 75 -15.97 29.89 -10.31
C LYS B 75 -14.50 29.74 -10.74
N ASP B 76 -13.57 30.24 -9.94
CA ASP B 76 -12.14 30.12 -10.27
C ASP B 76 -11.65 28.78 -9.71
N GLU B 77 -11.58 27.77 -10.56
CA GLU B 77 -11.12 26.46 -10.15
C GLU B 77 -9.60 26.43 -10.00
N TYR B 78 -9.14 25.84 -8.90
CA TYR B 78 -7.72 25.68 -8.64
C TYR B 78 -7.44 24.22 -8.37
N ALA B 79 -6.24 23.78 -8.73
CA ALA B 79 -5.88 22.38 -8.58
C ALA B 79 -4.38 22.24 -8.50
N CYS B 80 -3.94 21.06 -8.05
CA CYS B 80 -2.54 20.70 -8.01
C CYS B 80 -2.34 19.46 -8.86
N ARG B 81 -1.34 19.50 -9.74
CA ARG B 81 -1.00 18.39 -10.62
C ARG B 81 0.36 17.83 -10.24
N VAL B 82 0.42 16.53 -10.01
CA VAL B 82 1.64 15.88 -9.51
C VAL B 82 1.99 14.72 -10.44
N ASN B 83 3.27 14.63 -10.79
CA ASN B 83 3.79 13.46 -11.49
C ASN B 83 5.07 13.00 -10.80
N HIS B 84 5.32 11.70 -10.91
CA HIS B 84 6.38 11.02 -10.18
C HIS B 84 6.62 9.69 -10.88
N VAL B 85 7.80 9.11 -10.64
CA VAL B 85 8.16 7.88 -11.36
C VAL B 85 7.25 6.72 -10.96
N THR B 86 6.57 6.81 -9.82
CA THR B 86 5.67 5.76 -9.39
C THR B 86 4.27 5.89 -9.99
N LEU B 87 3.98 6.99 -10.69
CA LEU B 87 2.67 7.23 -11.28
C LEU B 87 2.74 7.04 -12.79
N SER B 88 1.91 6.16 -13.32
CA SER B 88 1.86 5.96 -14.77
C SER B 88 1.25 7.16 -15.48
N GLN B 89 0.34 7.87 -14.82
CA GLN B 89 -0.24 9.10 -15.34
C GLN B 89 -0.20 10.18 -14.27
N PRO B 90 -0.13 11.45 -14.67
CA PRO B 90 -0.14 12.52 -13.67
C PRO B 90 -1.41 12.47 -12.84
N LYS B 91 -1.29 12.85 -11.58
CA LYS B 91 -2.39 12.86 -10.63
C LYS B 91 -2.79 14.30 -10.36
N ILE B 92 -4.09 14.57 -10.39
CA ILE B 92 -4.61 15.92 -10.22
C ILE B 92 -5.59 15.92 -9.05
N VAL B 93 -5.34 16.80 -8.08
CA VAL B 93 -6.22 16.96 -6.93
C VAL B 93 -6.76 18.38 -6.96
N LYS B 94 -8.08 18.50 -7.10
CA LYS B 94 -8.71 19.82 -7.12
C LYS B 94 -8.70 20.43 -5.72
N TRP B 95 -8.72 21.75 -5.69
CA TRP B 95 -8.81 22.48 -4.43
C TRP B 95 -10.27 22.64 -4.04
N ASP B 96 -10.61 22.22 -2.81
CA ASP B 96 -11.95 22.33 -2.26
C ASP B 96 -11.85 23.19 -1.00
N ARG B 97 -12.40 24.40 -1.05
CA ARG B 97 -12.30 25.33 0.07
C ARG B 97 -12.70 24.70 1.40
N ASP B 98 -13.43 23.58 1.38
CA ASP B 98 -13.84 22.86 2.57
C ASP B 98 -12.97 21.67 2.90
N MET B 99 -12.05 21.29 2.01
CA MET B 99 -11.27 20.05 2.10
C MET B 99 -12.16 18.81 2.12
N ASP C 1 26.51 24.71 13.68
CA ASP C 1 27.27 24.43 12.46
C ASP C 1 26.93 23.07 11.90
N PHE C 2 27.01 22.94 10.58
CA PHE C 2 27.09 21.61 9.98
C PHE C 2 28.26 20.84 10.59
N GLU C 3 28.25 19.54 10.38
CA GLU C 3 29.40 18.74 10.79
C GLU C 3 30.58 19.05 9.88
N LYS C 4 31.63 19.63 10.45
CA LYS C 4 32.85 19.91 9.71
C LYS C 4 33.53 18.63 9.23
N GLU C 5 33.20 17.50 9.85
CA GLU C 5 33.84 16.22 9.58
C GLU C 5 33.34 15.62 8.27
N GLY C 6 33.65 14.37 8.04
CA GLY C 6 33.09 13.65 6.91
C GLY C 6 34.03 12.57 6.43
N TYR C 7 33.45 11.49 5.90
CA TYR C 7 34.22 10.43 5.28
C TYR C 7 33.31 9.72 4.28
N SER C 8 33.81 9.55 3.05
CA SER C 8 33.00 8.93 2.02
C SER C 8 32.67 7.48 2.39
N LEU C 9 31.49 7.05 1.99
CA LEU C 9 31.05 5.69 2.28
C LEU C 9 31.89 4.67 1.51
N GLY D 1 -7.68 -0.69 -31.01
CA GLY D 1 -7.16 -1.27 -29.79
C GLY D 1 -8.00 -2.42 -29.31
N SER D 2 -7.55 -3.08 -28.24
CA SER D 2 -8.25 -4.25 -27.73
C SER D 2 -9.64 -3.89 -27.21
N HIS D 3 -10.64 -4.63 -27.66
CA HIS D 3 -11.99 -4.51 -27.12
C HIS D 3 -12.07 -5.18 -25.76
N GLY D 4 -12.83 -4.58 -24.85
CA GLY D 4 -13.00 -5.16 -23.54
C GLY D 4 -13.97 -6.32 -23.54
N PHE D 5 -13.78 -7.23 -22.59
CA PHE D 5 -14.75 -8.29 -22.35
C PHE D 5 -14.76 -8.58 -20.84
N HIS D 6 -15.96 -8.75 -20.29
CA HIS D 6 -16.13 -8.95 -18.86
C HIS D 6 -16.95 -10.20 -18.59
N SER D 7 -16.77 -10.76 -17.41
CA SER D 7 -17.38 -12.03 -17.04
C SER D 7 -18.00 -11.95 -15.65
N LEU D 8 -19.14 -12.60 -15.49
CA LEU D 8 -19.77 -12.82 -14.20
C LEU D 8 -19.81 -14.33 -13.96
N ARG D 9 -19.21 -14.78 -12.86
CA ARG D 9 -19.03 -16.20 -12.62
C ARG D 9 -19.42 -16.55 -11.19
N TYR D 10 -20.18 -17.63 -11.04
CA TYR D 10 -20.56 -18.16 -9.74
C TYR D 10 -19.92 -19.53 -9.55
N PHE D 11 -19.42 -19.79 -8.34
CA PHE D 11 -18.74 -21.04 -8.00
C PHE D 11 -19.44 -21.68 -6.80
N TYR D 12 -19.90 -22.91 -6.97
CA TYR D 12 -20.47 -23.69 -5.87
C TYR D 12 -19.49 -24.78 -5.47
N THR D 13 -19.42 -25.06 -4.17
CA THR D 13 -18.67 -26.20 -3.65
C THR D 13 -19.52 -26.88 -2.59
N ALA D 14 -19.78 -28.17 -2.76
CA ALA D 14 -20.56 -28.94 -1.81
C ALA D 14 -19.81 -30.23 -1.52
N TRP D 15 -19.64 -30.54 -0.24
CA TRP D 15 -18.96 -31.77 0.14
C TRP D 15 -19.61 -32.36 1.39
N SER D 16 -19.55 -33.68 1.47
CA SER D 16 -20.12 -34.44 2.58
C SER D 16 -19.10 -34.57 3.70
N ARG D 17 -19.59 -34.57 4.93
CA ARG D 17 -18.75 -34.68 6.12
C ARG D 17 -19.29 -35.81 7.00
N PRO D 18 -18.99 -37.06 6.65
CA PRO D 18 -19.58 -38.18 7.39
C PRO D 18 -19.12 -38.19 8.84
N GLY D 19 -20.09 -38.32 9.75
CA GLY D 19 -19.83 -38.22 11.16
C GLY D 19 -19.75 -36.81 11.70
N SER D 20 -19.68 -35.80 10.83
CA SER D 20 -19.58 -34.41 11.25
C SER D 20 -20.74 -33.58 10.70
N GLY D 21 -21.96 -34.12 10.80
CA GLY D 21 -23.14 -33.35 10.46
C GLY D 21 -23.46 -33.32 8.98
N GLU D 22 -24.39 -32.43 8.64
CA GLU D 22 -24.86 -32.28 7.28
C GLU D 22 -23.70 -31.94 6.34
N PRO D 23 -23.86 -32.22 5.04
CA PRO D 23 -22.92 -31.68 4.07
C PRO D 23 -22.87 -30.16 4.13
N ARG D 24 -21.72 -29.61 3.77
CA ARG D 24 -21.54 -28.17 3.69
C ARG D 24 -21.59 -27.71 2.24
N PHE D 25 -22.07 -26.48 2.05
CA PHE D 25 -22.20 -25.89 0.73
C PHE D 25 -21.75 -24.44 0.81
N VAL D 26 -20.76 -24.08 0.00
CA VAL D 26 -20.23 -22.72 -0.09
C VAL D 26 -20.38 -22.25 -1.53
N ALA D 27 -20.81 -21.01 -1.71
CA ALA D 27 -20.93 -20.41 -3.04
C ALA D 27 -20.30 -19.02 -3.02
N VAL D 28 -19.68 -18.65 -4.15
CA VAL D 28 -19.08 -17.34 -4.31
C VAL D 28 -19.33 -16.84 -5.73
N GLY D 29 -19.47 -15.52 -5.86
CA GLY D 29 -19.68 -14.89 -7.15
C GLY D 29 -18.58 -13.90 -7.45
N TYR D 30 -18.18 -13.83 -8.69
CA TYR D 30 -17.20 -12.95 -9.12
C TYR D 30 -17.51 -12.20 -10.39
N VAL D 31 -17.06 -10.97 -10.45
CA VAL D 31 -17.10 -10.17 -11.60
C VAL D 31 -15.63 -10.11 -11.97
N ASP D 32 -15.26 -10.66 -13.09
CA ASP D 32 -13.89 -10.77 -13.55
C ASP D 32 -13.02 -11.34 -12.44
N ASP D 33 -12.16 -10.57 -11.88
CA ASP D 33 -11.31 -11.02 -10.85
C ASP D 33 -11.63 -10.52 -9.43
N THR D 34 -12.78 -9.94 -9.23
CA THR D 34 -13.20 -9.38 -7.96
C THR D 34 -14.38 -10.18 -7.44
N GLN D 35 -14.22 -10.76 -6.24
CA GLN D 35 -15.35 -11.40 -5.56
C GLN D 35 -16.30 -10.33 -5.05
N PHE D 36 -17.60 -10.57 -5.20
CA PHE D 36 -18.59 -9.63 -4.70
C PHE D 36 -19.65 -10.23 -3.79
N VAL D 37 -19.86 -11.55 -3.79
CA VAL D 37 -20.90 -12.17 -2.99
C VAL D 37 -20.43 -13.51 -2.43
N ARG D 38 -21.06 -13.94 -1.34
CA ARG D 38 -20.75 -15.22 -0.72
C ARG D 38 -22.00 -15.77 -0.03
N PHE D 39 -21.96 -17.08 0.22
CA PHE D 39 -23.02 -17.78 0.93
C PHE D 39 -22.44 -19.07 1.50
N ASP D 40 -22.71 -19.33 2.78
CA ASP D 40 -22.16 -20.49 3.48
C ASP D 40 -23.28 -21.17 4.24
N SER D 41 -23.59 -22.42 3.88
CA SER D 41 -24.69 -23.15 4.51
C SER D 41 -24.41 -23.47 5.97
N ASP D 42 -23.16 -23.46 6.41
CA ASP D 42 -22.85 -23.69 7.80
C ASP D 42 -23.22 -22.51 8.69
N ASN D 43 -23.42 -21.33 8.10
CA ASN D 43 -23.79 -20.16 8.88
C ASN D 43 -25.09 -20.40 9.64
N ALA D 44 -25.26 -19.67 10.72
CA ALA D 44 -26.52 -19.69 11.46
C ALA D 44 -27.57 -18.89 10.68
N SER D 45 -28.63 -19.59 10.23
CA SER D 45 -29.65 -19.03 9.33
C SER D 45 -28.96 -18.29 8.20
N PRO D 46 -28.34 -19.01 7.26
CA PRO D 46 -27.37 -18.39 6.36
C PRO D 46 -28.02 -17.46 5.34
N ARG D 47 -27.40 -16.30 5.14
CA ARG D 47 -27.82 -15.34 4.12
C ARG D 47 -26.73 -15.20 3.07
N ALA D 48 -27.13 -14.70 1.90
CA ALA D 48 -26.17 -14.23 0.92
C ALA D 48 -25.59 -12.90 1.39
N GLU D 49 -24.27 -12.82 1.39
CA GLU D 49 -23.62 -11.64 1.96
C GLU D 49 -22.80 -10.91 0.91
N PRO D 50 -22.74 -9.58 0.97
CA PRO D 50 -21.85 -8.85 0.07
C PRO D 50 -20.41 -9.00 0.49
N ARG D 51 -19.52 -8.98 -0.51
CA ARG D 51 -18.08 -9.09 -0.28
C ARG D 51 -17.30 -8.07 -1.09
N ALA D 52 -17.96 -7.00 -1.53
CA ALA D 52 -17.32 -5.96 -2.33
C ALA D 52 -17.86 -4.61 -1.89
N PRO D 53 -17.06 -3.54 -2.08
CA PRO D 53 -17.55 -2.19 -1.72
C PRO D 53 -18.88 -1.84 -2.37
N TRP D 54 -18.96 -1.95 -3.70
CA TRP D 54 -20.14 -1.49 -4.42
C TRP D 54 -21.39 -2.32 -4.12
N MET D 55 -21.23 -3.55 -3.63
CA MET D 55 -22.41 -4.32 -3.24
C MET D 55 -23.12 -3.71 -2.03
N ASP D 56 -22.40 -2.96 -1.20
CA ASP D 56 -23.04 -2.26 -0.09
C ASP D 56 -24.03 -1.20 -0.56
N LEU D 57 -24.05 -0.89 -1.85
CA LEU D 57 -25.03 0.03 -2.42
C LEU D 57 -26.23 -0.67 -3.01
N VAL D 58 -26.13 -1.97 -3.31
CA VAL D 58 -27.08 -2.66 -4.18
C VAL D 58 -28.49 -2.68 -3.60
N GLU D 59 -28.65 -2.56 -2.28
CA GLU D 59 -29.99 -2.59 -1.71
C GLU D 59 -30.80 -1.36 -2.13
N GLN D 60 -30.13 -0.22 -2.33
CA GLN D 60 -30.82 0.98 -2.77
C GLN D 60 -31.52 0.75 -4.11
N GLN D 61 -30.79 0.18 -5.08
CA GLN D 61 -31.37 -0.03 -6.40
C GLN D 61 -32.43 -1.14 -6.39
N ASP D 62 -32.26 -2.15 -5.56
CA ASP D 62 -33.15 -3.31 -5.55
C ASP D 62 -33.20 -3.86 -4.14
N PRO D 63 -34.18 -3.41 -3.33
CA PRO D 63 -34.21 -3.78 -1.92
C PRO D 63 -34.48 -5.26 -1.67
N GLN D 64 -34.87 -6.01 -2.69
CA GLN D 64 -35.16 -7.43 -2.54
C GLN D 64 -34.04 -8.31 -3.07
N TYR D 65 -32.92 -7.74 -3.50
CA TYR D 65 -31.81 -8.54 -4.02
C TYR D 65 -31.35 -9.56 -2.98
N TRP D 66 -31.18 -9.15 -1.74
CA TRP D 66 -30.58 -10.03 -0.74
C TRP D 66 -31.57 -11.11 -0.30
N ASP D 67 -32.85 -10.78 -0.23
CA ASP D 67 -33.86 -11.81 0.05
C ASP D 67 -34.00 -12.77 -1.11
N ARG D 68 -33.97 -12.25 -2.34
CA ARG D 68 -34.06 -13.10 -3.52
C ARG D 68 -32.86 -14.04 -3.64
N ASN D 69 -31.66 -13.51 -3.42
CA ASN D 69 -30.46 -14.32 -3.57
C ASN D 69 -30.28 -15.29 -2.41
N THR D 70 -30.74 -14.92 -1.21
CA THR D 70 -30.63 -15.83 -0.07
C THR D 70 -31.52 -17.06 -0.27
N ARG D 71 -32.73 -16.86 -0.78
CA ARG D 71 -33.59 -18.02 -1.01
C ARG D 71 -33.09 -18.85 -2.18
N ASN D 72 -32.47 -18.22 -3.18
CA ASN D 72 -31.88 -18.99 -4.28
C ASN D 72 -30.68 -19.79 -3.81
N ALA D 73 -29.91 -19.25 -2.88
CA ALA D 73 -28.70 -19.94 -2.43
C ALA D 73 -29.05 -21.08 -1.47
N ARG D 74 -29.92 -20.82 -0.50
CA ARG D 74 -30.36 -21.88 0.41
C ARG D 74 -30.98 -23.05 -0.33
N ASP D 75 -31.65 -22.78 -1.46
CA ASP D 75 -32.22 -23.85 -2.26
C ASP D 75 -31.17 -24.51 -3.15
N ALA D 76 -30.13 -23.77 -3.55
CA ALA D 76 -28.97 -24.42 -4.16
C ALA D 76 -28.31 -25.38 -3.18
N ALA D 77 -28.19 -24.96 -1.92
CA ALA D 77 -27.57 -25.80 -0.90
C ALA D 77 -28.32 -27.11 -0.72
N GLN D 78 -29.64 -27.04 -0.68
CA GLN D 78 -30.44 -28.26 -0.55
C GLN D 78 -30.30 -29.14 -1.79
N THR D 79 -30.26 -28.53 -2.97
CA THR D 79 -30.15 -29.29 -4.21
C THR D 79 -28.86 -30.09 -4.26
N TYR D 80 -27.80 -29.59 -3.62
CA TYR D 80 -26.50 -30.24 -3.72
C TYR D 80 -26.20 -31.17 -2.56
N ARG D 81 -26.77 -30.94 -1.38
CA ARG D 81 -26.67 -31.95 -0.34
C ARG D 81 -27.41 -33.22 -0.77
N VAL D 82 -28.59 -33.07 -1.37
CA VAL D 82 -29.28 -34.22 -1.92
C VAL D 82 -28.50 -34.79 -3.10
N GLY D 83 -27.92 -33.91 -3.92
CA GLY D 83 -27.15 -34.37 -5.06
C GLY D 83 -25.96 -35.22 -4.69
N LEU D 84 -25.34 -34.94 -3.54
CA LEU D 84 -24.23 -35.77 -3.08
C LEU D 84 -24.68 -37.22 -2.89
N ASP D 85 -25.87 -37.42 -2.32
CA ASP D 85 -26.37 -38.78 -2.12
C ASP D 85 -26.74 -39.44 -3.45
N ASN D 86 -27.34 -38.69 -4.37
CA ASN D 86 -27.70 -39.27 -5.66
C ASN D 86 -26.48 -39.78 -6.40
N VAL D 87 -25.45 -38.93 -6.52
CA VAL D 87 -24.26 -39.32 -7.27
C VAL D 87 -23.52 -40.44 -6.57
N ARG D 88 -23.43 -40.39 -5.24
CA ARG D 88 -22.85 -41.49 -4.50
C ARG D 88 -23.56 -42.81 -4.81
N GLY D 89 -24.87 -42.76 -5.05
CA GLY D 89 -25.59 -43.96 -5.42
C GLY D 89 -25.26 -44.43 -6.83
N TYR D 90 -25.07 -43.49 -7.76
CA TYR D 90 -24.74 -43.87 -9.13
C TYR D 90 -23.44 -44.66 -9.18
N TYR D 91 -22.48 -44.31 -8.34
CA TYR D 91 -21.20 -45.01 -8.30
C TYR D 91 -21.17 -46.15 -7.30
N ASN D 92 -22.22 -46.29 -6.48
CA ASN D 92 -22.25 -47.25 -5.38
C ASN D 92 -21.04 -47.06 -4.46
N GLN D 93 -20.81 -45.81 -4.08
CA GLN D 93 -19.76 -45.48 -3.12
C GLN D 93 -20.30 -45.60 -1.70
N SER D 94 -19.38 -45.81 -0.76
CA SER D 94 -19.77 -45.99 0.63
C SER D 94 -20.12 -44.65 1.27
N GLU D 95 -21.10 -44.70 2.19
CA GLU D 95 -21.49 -43.49 2.91
C GLU D 95 -20.37 -42.92 3.76
N ALA D 96 -19.35 -43.72 4.08
CA ALA D 96 -18.33 -43.26 5.02
C ALA D 96 -17.26 -42.41 4.37
N GLY D 97 -17.22 -42.33 3.04
CA GLY D 97 -16.25 -41.48 2.36
C GLY D 97 -16.78 -40.09 2.10
N SER D 98 -15.87 -39.12 2.17
CA SER D 98 -16.21 -37.73 1.84
C SER D 98 -16.06 -37.51 0.35
N HIS D 99 -17.00 -36.76 -0.23
CA HIS D 99 -17.01 -36.51 -1.66
C HIS D 99 -17.43 -35.07 -1.92
N THR D 100 -17.13 -34.59 -3.12
CA THR D 100 -17.27 -33.18 -3.45
C THR D 100 -17.97 -33.02 -4.81
N ILE D 101 -18.88 -32.04 -4.88
CA ILE D 101 -19.43 -31.58 -6.14
C ILE D 101 -19.07 -30.12 -6.30
N GLN D 102 -18.58 -29.75 -7.48
CA GLN D 102 -18.28 -28.36 -7.78
C GLN D 102 -19.05 -27.92 -9.01
N ARG D 103 -19.42 -26.65 -9.03
CA ARG D 103 -20.12 -26.07 -10.17
C ARG D 103 -19.58 -24.68 -10.44
N MET D 104 -19.40 -24.37 -11.71
CA MET D 104 -19.02 -23.03 -12.14
C MET D 104 -19.90 -22.68 -13.33
N TYR D 105 -20.64 -21.59 -13.22
CA TYR D 105 -21.46 -21.11 -14.32
C TYR D 105 -21.38 -19.59 -14.38
N GLY D 106 -21.66 -19.05 -15.56
CA GLY D 106 -21.66 -17.61 -15.73
C GLY D 106 -21.71 -17.23 -17.20
N CYS D 107 -21.34 -15.97 -17.46
CA CYS D 107 -21.49 -15.41 -18.80
C CYS D 107 -20.35 -14.45 -19.11
N ASP D 108 -19.85 -14.52 -20.34
CA ASP D 108 -18.85 -13.59 -20.86
C ASP D 108 -19.54 -12.57 -21.76
N VAL D 109 -19.36 -11.29 -21.44
CA VAL D 109 -19.93 -10.20 -22.23
C VAL D 109 -18.83 -9.53 -23.02
N GLY D 110 -19.18 -9.06 -24.22
CA GLY D 110 -18.25 -8.34 -25.06
C GLY D 110 -18.29 -6.84 -24.83
N PRO D 111 -17.51 -6.09 -25.62
CA PRO D 111 -17.48 -4.62 -25.45
C PRO D 111 -18.80 -3.95 -25.73
N HIS D 112 -19.69 -4.65 -26.43
CA HIS D 112 -20.97 -4.16 -26.92
C HIS D 112 -22.08 -4.32 -25.90
N GLY D 113 -21.95 -5.24 -24.95
CA GLY D 113 -22.99 -5.54 -24.00
C GLY D 113 -23.88 -6.69 -24.36
N ARG D 114 -23.59 -7.43 -25.44
CA ARG D 114 -24.28 -8.66 -25.78
C ARG D 114 -23.42 -9.85 -25.34
N LEU D 115 -24.07 -11.00 -25.18
CA LEU D 115 -23.39 -12.21 -24.71
C LEU D 115 -22.37 -12.72 -25.71
N LEU D 116 -21.22 -13.18 -25.21
CA LEU D 116 -20.25 -13.92 -26.02
C LEU D 116 -20.38 -15.43 -25.78
N ARG D 117 -20.23 -15.86 -24.54
CA ARG D 117 -20.40 -17.22 -24.19
C ARG D 117 -21.12 -17.39 -22.84
N GLY D 118 -21.96 -18.42 -22.78
CA GLY D 118 -22.52 -18.87 -21.53
C GLY D 118 -21.90 -20.21 -21.21
N TYR D 119 -21.82 -20.54 -19.92
CA TYR D 119 -21.21 -21.80 -19.56
C TYR D 119 -21.78 -22.31 -18.24
N ASP D 120 -21.78 -23.63 -18.11
CA ASP D 120 -22.17 -24.31 -16.87
C ASP D 120 -21.49 -25.66 -16.90
N GLN D 121 -20.56 -25.88 -15.98
CA GLN D 121 -19.84 -27.14 -15.87
C GLN D 121 -19.82 -27.59 -14.43
N LEU D 122 -19.83 -28.90 -14.23
CA LEU D 122 -19.78 -29.50 -12.91
C LEU D 122 -18.68 -30.53 -12.86
N ALA D 123 -18.11 -30.70 -11.67
CA ALA D 123 -17.13 -31.73 -11.40
C ALA D 123 -17.57 -32.54 -10.19
N TYR D 124 -17.09 -33.78 -10.13
CA TYR D 124 -17.31 -34.64 -8.98
C TYR D 124 -15.96 -35.16 -8.52
N ASP D 125 -15.66 -34.95 -7.24
CA ASP D 125 -14.35 -35.29 -6.66
C ASP D 125 -13.21 -34.72 -7.48
N GLY D 126 -13.41 -33.54 -8.06
CA GLY D 126 -12.35 -32.84 -8.76
C GLY D 126 -12.12 -33.26 -10.19
N ALA D 127 -13.02 -34.04 -10.77
CA ALA D 127 -12.93 -34.42 -12.18
C ALA D 127 -14.24 -34.08 -12.87
N ASP D 128 -14.14 -33.75 -14.16
CA ASP D 128 -15.32 -33.35 -14.93
C ASP D 128 -16.42 -34.39 -14.78
N TYR D 129 -17.64 -33.91 -14.55
CA TYR D 129 -18.79 -34.78 -14.40
C TYR D 129 -19.83 -34.56 -15.49
N ILE D 130 -20.34 -33.34 -15.62
CA ILE D 130 -21.31 -33.01 -16.66
C ILE D 130 -21.18 -31.51 -16.93
N ALA D 131 -21.38 -31.14 -18.18
CA ALA D 131 -21.23 -29.76 -18.60
C ALA D 131 -22.25 -29.44 -19.66
N LEU D 132 -22.72 -28.20 -19.65
CA LEU D 132 -23.61 -27.71 -20.69
C LEU D 132 -22.81 -27.44 -21.95
N ASN D 133 -23.27 -27.98 -23.07
CA ASN D 133 -22.58 -27.75 -24.34
C ASN D 133 -22.66 -26.29 -24.73
N GLU D 134 -21.78 -25.87 -25.65
CA GLU D 134 -21.73 -24.47 -26.00
C GLU D 134 -22.95 -24.02 -26.80
N ASP D 135 -23.72 -24.94 -27.38
CA ASP D 135 -25.00 -24.56 -27.95
C ASP D 135 -26.04 -24.22 -26.90
N LEU D 136 -25.74 -24.49 -25.62
CA LEU D 136 -26.64 -24.22 -24.49
C LEU D 136 -27.97 -24.95 -24.62
N ARG D 137 -27.97 -26.11 -25.28
CA ARG D 137 -29.18 -26.91 -25.44
C ARG D 137 -29.01 -28.39 -25.15
N SER D 138 -27.79 -28.86 -24.90
CA SER D 138 -27.56 -30.28 -24.61
C SER D 138 -26.43 -30.39 -23.59
N TRP D 139 -26.31 -31.57 -23.01
CA TRP D 139 -25.35 -31.83 -21.94
C TRP D 139 -24.33 -32.89 -22.38
N THR D 140 -23.15 -32.82 -21.79
CA THR D 140 -22.09 -33.80 -22.02
C THR D 140 -21.74 -34.46 -20.69
N ALA D 141 -22.10 -35.73 -20.54
CA ALA D 141 -21.78 -36.49 -19.35
C ALA D 141 -20.42 -37.17 -19.51
N ALA D 142 -19.62 -37.12 -18.44
CA ALA D 142 -18.22 -37.50 -18.57
C ALA D 142 -18.02 -39.00 -18.49
N ASP D 143 -18.82 -39.70 -17.69
CA ASP D 143 -18.74 -41.16 -17.59
C ASP D 143 -20.15 -41.72 -17.56
N LEU D 144 -20.26 -43.03 -17.30
CA LEU D 144 -21.56 -43.68 -17.35
C LEU D 144 -22.46 -43.25 -16.21
N ALA D 145 -21.90 -43.00 -15.03
CA ALA D 145 -22.72 -42.53 -13.91
C ALA D 145 -23.30 -41.16 -14.20
N ALA D 146 -22.57 -40.30 -14.89
CA ALA D 146 -23.08 -38.96 -15.18
C ALA D 146 -24.21 -38.98 -16.20
N GLN D 147 -24.38 -40.09 -16.93
CA GLN D 147 -25.54 -40.20 -17.82
C GLN D 147 -26.85 -40.17 -17.04
N ASN D 148 -26.84 -40.65 -15.79
CA ASN D 148 -28.03 -40.56 -14.96
C ASN D 148 -28.44 -39.11 -14.75
N THR D 149 -27.47 -38.22 -14.54
CA THR D 149 -27.80 -36.81 -14.40
C THR D 149 -28.27 -36.22 -15.72
N ARG D 150 -27.65 -36.60 -16.83
CA ARG D 150 -28.02 -36.04 -18.12
C ARG D 150 -29.44 -36.43 -18.50
N ARG D 151 -29.77 -37.72 -18.40
CA ARG D 151 -31.13 -38.16 -18.75
C ARG D 151 -32.16 -37.44 -17.89
N LYS D 152 -31.88 -37.29 -16.59
CA LYS D 152 -32.81 -36.59 -15.71
C LYS D 152 -32.91 -35.12 -16.07
N TRP D 153 -31.81 -34.51 -16.50
CA TRP D 153 -31.84 -33.10 -16.86
C TRP D 153 -32.44 -32.88 -18.25
N GLU D 154 -32.21 -33.82 -19.17
CA GLU D 154 -32.81 -33.72 -20.50
C GLU D 154 -34.32 -33.83 -20.43
N GLU D 155 -34.83 -34.76 -19.62
CA GLU D 155 -36.28 -34.95 -19.52
C GLU D 155 -36.96 -33.82 -18.76
N ALA D 156 -36.20 -33.15 -18.01
CA ALA D 156 -36.77 -32.06 -17.23
C ALA D 156 -36.67 -30.70 -17.92
N GLY D 157 -36.10 -30.66 -19.16
CA GLY D 157 -35.88 -29.43 -19.91
C GLY D 157 -35.07 -28.41 -19.15
N TYR D 158 -33.98 -28.86 -18.49
CA TYR D 158 -33.17 -27.95 -17.70
C TYR D 158 -32.29 -27.06 -18.56
N ALA D 159 -31.85 -27.54 -19.72
CA ALA D 159 -30.94 -26.76 -20.55
C ALA D 159 -31.60 -25.49 -21.08
N GLU D 160 -32.90 -25.57 -21.33
CA GLU D 160 -33.63 -24.38 -21.75
C GLU D 160 -33.72 -23.36 -20.63
N ARG D 161 -33.83 -23.85 -19.39
CA ARG D 161 -33.90 -22.98 -18.22
C ARG D 161 -32.51 -22.36 -18.05
N ASP D 162 -31.48 -23.19 -18.08
CA ASP D 162 -30.10 -22.74 -17.95
C ASP D 162 -29.81 -21.65 -18.98
N ARG D 163 -30.02 -21.97 -20.26
CA ARG D 163 -29.80 -21.01 -21.34
C ARG D 163 -30.54 -19.70 -21.10
N ALA D 164 -31.84 -19.74 -20.58
CA ALA D 164 -32.59 -18.52 -20.33
C ALA D 164 -31.95 -17.67 -19.23
N TYR D 165 -31.36 -18.30 -18.22
CA TYR D 165 -30.63 -17.55 -17.20
C TYR D 165 -29.35 -16.96 -17.77
N LEU D 166 -28.56 -17.78 -18.48
CA LEU D 166 -27.26 -17.32 -18.97
C LEU D 166 -27.42 -16.18 -19.97
N GLU D 167 -28.29 -16.34 -20.97
CA GLU D 167 -28.55 -15.27 -21.92
C GLU D 167 -29.38 -14.14 -21.31
N GLY D 168 -29.92 -14.33 -20.12
CA GLY D 168 -30.85 -13.37 -19.53
C GLY D 168 -30.33 -12.62 -18.32
N GLU D 169 -30.69 -13.10 -17.13
CA GLU D 169 -30.31 -12.43 -15.88
C GLU D 169 -28.80 -12.27 -15.75
N CYS D 170 -28.03 -13.25 -16.24
CA CYS D 170 -26.58 -13.20 -16.09
C CYS D 170 -26.00 -11.98 -16.82
N VAL D 171 -26.32 -11.83 -18.11
CA VAL D 171 -25.89 -10.66 -18.86
C VAL D 171 -26.38 -9.38 -18.19
N GLU D 172 -27.63 -9.39 -17.74
CA GLU D 172 -28.22 -8.18 -17.16
C GLU D 172 -27.53 -7.79 -15.86
N TRP D 173 -27.16 -8.77 -15.04
CA TRP D 173 -26.58 -8.45 -13.75
C TRP D 173 -25.09 -8.14 -13.84
N LEU D 174 -24.39 -8.75 -14.80
CA LEU D 174 -23.03 -8.31 -15.09
C LEU D 174 -23.00 -6.82 -15.42
N LEU D 175 -23.91 -6.38 -16.29
CA LEU D 175 -23.95 -4.97 -16.65
C LEU D 175 -24.30 -4.09 -15.46
N LYS D 176 -25.21 -4.56 -14.60
CA LYS D 176 -25.55 -3.78 -13.42
C LYS D 176 -24.37 -3.67 -12.46
N HIS D 177 -23.61 -4.76 -12.31
CA HIS D 177 -22.43 -4.69 -11.45
C HIS D 177 -21.33 -3.84 -12.06
N LEU D 178 -21.08 -4.01 -13.36
CA LEU D 178 -20.06 -3.21 -14.03
C LEU D 178 -20.33 -1.71 -13.87
N GLU D 179 -21.61 -1.33 -13.84
CA GLU D 179 -21.94 0.08 -13.63
C GLU D 179 -21.72 0.49 -12.17
N ASN D 180 -22.26 -0.30 -11.23
CA ASN D 180 -22.20 0.10 -9.83
C ASN D 180 -20.80 -0.07 -9.24
N GLY D 181 -19.99 -0.96 -9.80
CA GLY D 181 -18.65 -1.14 -9.28
C GLY D 181 -17.59 -0.61 -10.21
N ARG D 182 -17.98 0.41 -11.00
CA ARG D 182 -17.13 0.88 -12.10
C ARG D 182 -15.73 1.25 -11.64
N GLU D 183 -15.62 1.94 -10.50
CA GLU D 183 -14.30 2.35 -10.00
C GLU D 183 -13.43 1.15 -9.69
N THR D 184 -14.03 0.06 -9.20
CA THR D 184 -13.24 -1.11 -8.84
C THR D 184 -13.01 -2.02 -10.03
N LEU D 185 -14.05 -2.24 -10.84
CA LEU D 185 -13.97 -3.26 -11.87
C LEU D 185 -13.28 -2.76 -13.13
N LEU D 186 -13.53 -1.51 -13.52
CA LEU D 186 -13.01 -0.97 -14.76
C LEU D 186 -11.63 -0.33 -14.60
N ARG D 187 -10.95 -0.60 -13.51
CA ARG D 187 -9.61 -0.09 -13.31
C ARG D 187 -8.58 -1.05 -13.90
N ALA D 188 -7.46 -0.49 -14.35
CA ALA D 188 -6.29 -1.26 -14.77
C ALA D 188 -5.12 -0.70 -13.96
N ASP D 189 -4.93 -1.24 -12.77
CA ASP D 189 -3.88 -0.75 -11.89
C ASP D 189 -2.54 -1.34 -12.30
N PRO D 190 -1.57 -0.53 -12.71
CA PRO D 190 -0.29 -1.06 -13.14
C PRO D 190 0.51 -1.56 -11.94
N PRO D 191 1.52 -2.40 -12.17
CA PRO D 191 2.28 -2.94 -11.04
C PRO D 191 3.37 -2.00 -10.58
N LYS D 192 3.53 -1.91 -9.27
CA LYS D 192 4.71 -1.28 -8.67
C LYS D 192 5.86 -2.27 -8.81
N THR D 193 6.86 -1.92 -9.61
CA THR D 193 7.95 -2.82 -9.94
C THR D 193 9.26 -2.35 -9.33
N HIS D 194 10.09 -3.30 -8.94
CA HIS D 194 11.45 -3.00 -8.48
C HIS D 194 12.26 -4.29 -8.48
N ILE D 195 13.58 -4.13 -8.40
CA ILE D 195 14.50 -5.25 -8.37
C ILE D 195 15.21 -5.25 -7.04
N THR D 196 15.21 -6.40 -6.36
CA THR D 196 15.98 -6.57 -5.14
C THR D 196 17.20 -7.44 -5.40
N HIS D 197 18.11 -7.43 -4.43
CA HIS D 197 19.47 -7.94 -4.60
C HIS D 197 19.85 -8.70 -3.33
N HIS D 198 20.10 -10.00 -3.46
CA HIS D 198 20.40 -10.85 -2.32
C HIS D 198 21.64 -11.67 -2.59
N PRO D 199 22.79 -11.28 -2.04
CA PRO D 199 24.01 -12.06 -2.25
C PRO D 199 23.94 -13.39 -1.51
N ILE D 200 24.48 -14.43 -2.14
CA ILE D 200 24.49 -15.75 -1.52
C ILE D 200 25.94 -16.21 -1.30
N SER D 201 26.85 -15.74 -2.14
CA SER D 201 28.27 -16.07 -2.01
C SER D 201 29.09 -14.88 -2.49
N ASP D 202 30.41 -15.04 -2.54
CA ASP D 202 31.28 -14.05 -3.16
C ASP D 202 31.22 -14.12 -4.68
N ARG D 203 30.62 -15.18 -5.23
CA ARG D 203 30.59 -15.43 -6.66
C ARG D 203 29.20 -15.40 -7.26
N GLU D 204 28.14 -15.37 -6.44
CA GLU D 204 26.78 -15.52 -6.95
C GLU D 204 25.83 -14.62 -6.18
N VAL D 205 24.84 -14.07 -6.90
CA VAL D 205 23.81 -13.23 -6.32
C VAL D 205 22.46 -13.71 -6.82
N THR D 206 21.41 -13.30 -6.12
CA THR D 206 20.03 -13.49 -6.54
C THR D 206 19.43 -12.14 -6.88
N LEU D 207 19.00 -11.98 -8.13
CA LEU D 207 18.24 -10.82 -8.54
C LEU D 207 16.77 -11.23 -8.65
N ARG D 208 15.89 -10.48 -7.98
CA ARG D 208 14.47 -10.79 -7.93
C ARG D 208 13.69 -9.59 -8.43
N CYS D 209 12.85 -9.81 -9.42
CA CYS D 209 12.07 -8.75 -10.04
C CYS D 209 10.63 -8.83 -9.55
N TRP D 210 10.18 -7.77 -8.88
CA TRP D 210 8.87 -7.75 -8.22
C TRP D 210 7.86 -6.98 -9.04
N ALA D 211 6.62 -7.46 -9.02
CA ALA D 211 5.46 -6.72 -9.50
C ALA D 211 4.40 -6.79 -8.42
N LEU D 212 3.98 -5.63 -7.91
CA LEU D 212 3.10 -5.58 -6.74
C LEU D 212 1.86 -4.76 -7.04
N GLY D 213 0.76 -5.18 -6.42
CA GLY D 213 -0.46 -4.38 -6.39
C GLY D 213 -1.11 -4.14 -7.73
N PHE D 214 -0.96 -5.05 -8.68
CA PHE D 214 -1.56 -4.84 -9.98
C PHE D 214 -2.92 -5.52 -10.07
N TYR D 215 -3.72 -5.05 -11.03
CA TYR D 215 -5.05 -5.54 -11.34
C TYR D 215 -5.28 -5.14 -12.79
N PRO D 216 -5.77 -6.04 -13.65
CA PRO D 216 -6.22 -7.42 -13.39
C PRO D 216 -5.06 -8.39 -13.16
N GLU D 217 -5.39 -9.67 -12.95
CA GLU D 217 -4.39 -10.65 -12.55
C GLU D 217 -3.40 -10.95 -13.68
N GLU D 218 -3.83 -10.84 -14.93
CA GLU D 218 -2.96 -11.20 -16.05
C GLU D 218 -1.75 -10.28 -16.12
N ILE D 219 -0.56 -10.88 -16.21
CA ILE D 219 0.70 -10.14 -16.22
C ILE D 219 1.78 -11.05 -16.80
N THR D 220 2.88 -10.45 -17.25
CA THR D 220 3.99 -11.18 -17.84
C THR D 220 5.31 -10.64 -17.30
N LEU D 221 6.10 -11.51 -16.67
CA LEU D 221 7.41 -11.17 -16.14
C LEU D 221 8.48 -11.99 -16.85
N THR D 222 9.57 -11.34 -17.23
CA THR D 222 10.62 -12.01 -18.00
C THR D 222 11.98 -11.40 -17.67
N TRP D 223 12.96 -12.26 -17.42
CA TRP D 223 14.35 -11.86 -17.29
C TRP D 223 15.08 -12.07 -18.61
N GLN D 224 15.95 -11.14 -18.97
CA GLN D 224 16.68 -11.23 -20.22
C GLN D 224 18.14 -10.83 -20.02
N HIS D 225 19.01 -11.54 -20.73
CA HIS D 225 20.47 -11.43 -20.61
C HIS D 225 20.96 -10.86 -21.95
N ASP D 226 21.21 -9.55 -21.97
CA ASP D 226 21.63 -8.76 -23.14
C ASP D 226 20.53 -8.63 -24.18
N GLY D 227 19.35 -9.18 -23.94
CA GLY D 227 18.29 -9.17 -24.92
C GLY D 227 17.83 -10.57 -25.25
N GLU D 228 18.36 -11.56 -24.54
CA GLU D 228 18.04 -12.96 -24.76
C GLU D 228 17.22 -13.51 -23.60
N ASP D 229 16.11 -14.18 -23.93
CA ASP D 229 15.18 -14.62 -22.90
C ASP D 229 15.80 -15.71 -22.02
N GLN D 230 15.33 -15.78 -20.78
CA GLN D 230 15.89 -16.63 -19.73
C GLN D 230 14.79 -17.40 -19.02
N THR D 231 13.83 -17.96 -19.77
CA THR D 231 12.68 -18.65 -19.18
C THR D 231 13.11 -19.76 -18.23
N GLN D 232 13.98 -20.65 -18.69
CA GLN D 232 14.30 -21.85 -17.94
C GLN D 232 15.27 -21.60 -16.78
N GLU D 233 15.99 -20.48 -16.80
CA GLU D 233 16.93 -20.21 -15.71
C GLU D 233 16.26 -19.54 -14.50
N MET D 234 15.10 -18.92 -14.69
CA MET D 234 14.48 -18.11 -13.66
C MET D 234 13.40 -18.89 -12.91
N GLU D 235 13.15 -18.46 -11.67
CA GLU D 235 12.09 -19.02 -10.84
C GLU D 235 10.90 -18.07 -10.87
N LEU D 236 9.76 -18.56 -11.33
CA LEU D 236 8.57 -17.74 -11.54
C LEU D 236 7.45 -18.24 -10.64
N VAL D 237 7.16 -17.51 -9.57
CA VAL D 237 6.12 -17.92 -8.64
C VAL D 237 4.76 -17.65 -9.26
N GLU D 238 3.77 -18.43 -8.85
CA GLU D 238 2.41 -18.22 -9.30
C GLU D 238 1.91 -16.85 -8.83
N THR D 239 1.04 -16.25 -9.62
CA THR D 239 0.47 -14.97 -9.26
C THR D 239 -0.44 -15.14 -8.04
N ARG D 240 -0.20 -14.33 -7.00
CA ARG D 240 -0.89 -14.49 -5.73
C ARG D 240 -1.61 -13.20 -5.35
N PRO D 241 -2.74 -13.31 -4.65
CA PRO D 241 -3.47 -12.11 -4.25
C PRO D 241 -2.83 -11.47 -3.03
N ASP D 242 -2.87 -10.14 -3.00
CA ASP D 242 -2.25 -9.40 -1.90
C ASP D 242 -3.19 -9.21 -0.71
N GLY D 243 -4.45 -9.62 -0.84
CA GLY D 243 -5.41 -9.48 0.22
C GLY D 243 -6.21 -8.20 0.19
N ASN D 244 -5.81 -7.23 -0.64
CA ASN D 244 -6.47 -5.93 -0.73
C ASN D 244 -7.19 -5.75 -2.06
N GLY D 245 -7.44 -6.83 -2.78
CA GLY D 245 -8.09 -6.75 -4.07
C GLY D 245 -7.16 -6.68 -5.26
N ALA D 246 -5.86 -6.84 -5.04
CA ALA D 246 -4.90 -6.80 -6.15
C ALA D 246 -4.02 -8.04 -6.10
N PHE D 247 -2.99 -8.08 -6.94
CA PHE D 247 -2.18 -9.27 -7.11
C PHE D 247 -0.71 -8.93 -7.06
N GLN D 248 0.10 -9.95 -6.81
CA GLN D 248 1.55 -9.83 -6.81
C GLN D 248 2.16 -10.98 -7.60
N LYS D 249 3.42 -10.80 -7.96
CA LYS D 249 4.18 -11.79 -8.69
C LYS D 249 5.64 -11.36 -8.67
N TRP D 250 6.54 -12.34 -8.63
CA TRP D 250 7.95 -12.03 -8.83
C TRP D 250 8.63 -13.17 -9.59
N ALA D 251 9.80 -12.86 -10.12
CA ALA D 251 10.62 -13.79 -10.88
C ALA D 251 12.08 -13.53 -10.52
N ALA D 252 12.76 -14.55 -10.01
CA ALA D 252 14.13 -14.42 -9.55
C ALA D 252 15.09 -15.20 -10.45
N LEU D 253 16.37 -14.86 -10.36
CA LEU D 253 17.38 -15.46 -11.20
C LEU D 253 18.73 -15.36 -10.51
N VAL D 254 19.52 -16.44 -10.57
CA VAL D 254 20.85 -16.47 -9.97
C VAL D 254 21.87 -16.00 -11.00
N VAL D 255 22.72 -15.05 -10.59
CA VAL D 255 23.58 -14.29 -11.50
C VAL D 255 24.98 -14.23 -10.91
N PRO D 256 26.04 -14.32 -11.73
CA PRO D 256 27.39 -14.14 -11.21
C PRO D 256 27.62 -12.72 -10.71
N SER D 257 28.58 -12.59 -9.79
CA SER D 257 28.73 -11.41 -8.95
C SER D 257 29.18 -10.15 -9.70
N GLY D 258 29.51 -10.24 -10.99
CA GLY D 258 29.89 -9.06 -11.71
C GLY D 258 28.95 -8.74 -12.86
N GLU D 259 27.94 -9.59 -13.03
CA GLU D 259 27.08 -9.57 -14.21
C GLU D 259 25.75 -8.87 -13.97
N GLU D 260 25.58 -8.20 -12.83
CA GLU D 260 24.28 -7.60 -12.55
C GLU D 260 23.88 -6.59 -13.60
N GLN D 261 24.84 -5.81 -14.11
CA GLN D 261 24.55 -4.84 -15.16
C GLN D 261 24.14 -5.51 -16.47
N ARG D 262 24.30 -6.82 -16.60
CA ARG D 262 24.05 -7.53 -17.83
C ARG D 262 22.58 -7.89 -18.03
N TYR D 263 21.75 -7.80 -17.01
CA TYR D 263 20.41 -8.37 -17.04
C TYR D 263 19.34 -7.28 -16.96
N THR D 264 18.22 -7.55 -17.62
CA THR D 264 17.07 -6.69 -17.60
C THR D 264 15.84 -7.49 -17.20
N CYS D 265 14.93 -6.83 -16.49
CA CYS D 265 13.62 -7.38 -16.21
C CYS D 265 12.57 -6.63 -17.02
N HIS D 266 11.63 -7.38 -17.59
CA HIS D 266 10.59 -6.83 -18.45
C HIS D 266 9.23 -7.19 -17.88
N VAL D 267 8.36 -6.20 -17.77
CA VAL D 267 7.01 -6.37 -17.23
C VAL D 267 6.02 -5.85 -18.26
N GLN D 268 5.00 -6.64 -18.55
CA GLN D 268 3.91 -6.23 -19.42
C GLN D 268 2.59 -6.37 -18.69
N HIS D 269 1.78 -5.31 -18.74
CA HIS D 269 0.51 -5.29 -18.01
C HIS D 269 -0.37 -4.21 -18.64
N GLU D 270 -1.67 -4.49 -18.72
CA GLU D 270 -2.58 -3.59 -19.42
C GLU D 270 -2.67 -2.21 -18.76
N GLY D 271 -2.28 -2.09 -17.50
CA GLY D 271 -2.23 -0.78 -16.88
C GLY D 271 -1.00 0.03 -17.21
N LEU D 272 0.02 -0.61 -17.79
CA LEU D 272 1.28 0.05 -18.13
C LEU D 272 1.16 0.78 -19.46
N PRO D 273 1.47 2.08 -19.52
CA PRO D 273 1.51 2.77 -20.81
C PRO D 273 2.44 2.08 -21.78
N GLN D 274 3.70 1.92 -21.38
CA GLN D 274 4.65 1.18 -22.17
C GLN D 274 5.26 0.05 -21.34
N PRO D 275 5.60 -1.08 -21.97
CA PRO D 275 6.25 -2.16 -21.22
C PRO D 275 7.52 -1.66 -20.53
N LEU D 276 7.76 -2.17 -19.35
CA LEU D 276 8.85 -1.75 -18.55
C LEU D 276 10.12 -2.52 -18.71
N THR D 277 11.26 -1.87 -18.56
CA THR D 277 12.51 -2.56 -18.59
C THR D 277 13.24 -2.10 -17.40
N LEU D 278 13.75 -3.01 -16.61
CA LEU D 278 14.40 -2.63 -15.40
C LEU D 278 15.71 -3.27 -15.29
N ARG D 279 16.61 -2.67 -14.57
CA ARG D 279 17.93 -3.28 -14.43
C ARG D 279 18.58 -2.78 -13.15
N TRP D 280 19.40 -3.64 -12.56
CA TRP D 280 20.04 -3.37 -11.29
C TRP D 280 21.27 -2.48 -11.44
N ILE E 1 -9.12 -38.60 -7.12
CA ILE E 1 -8.30 -37.44 -7.45
C ILE E 1 -7.95 -36.66 -6.19
N GLN E 2 -6.66 -36.65 -5.82
CA GLN E 2 -6.19 -35.90 -4.68
C GLN E 2 -4.94 -35.13 -5.08
N ARG E 3 -4.91 -33.84 -4.75
CA ARG E 3 -3.80 -32.97 -5.11
C ARG E 3 -3.29 -32.25 -3.87
N THR E 4 -1.97 -32.24 -3.69
CA THR E 4 -1.34 -31.60 -2.55
C THR E 4 -1.28 -30.08 -2.74
N PRO E 5 -1.41 -29.31 -1.67
CA PRO E 5 -1.44 -27.86 -1.81
C PRO E 5 -0.09 -27.28 -2.14
N LYS E 6 -0.13 -26.12 -2.80
CA LYS E 6 1.02 -25.24 -2.94
C LYS E 6 0.91 -24.11 -1.93
N ILE E 7 2.04 -23.68 -1.37
CA ILE E 7 2.05 -22.73 -0.26
C ILE E 7 2.99 -21.58 -0.61
N GLN E 8 2.53 -20.35 -0.38
CA GLN E 8 3.35 -19.15 -0.48
C GLN E 8 3.07 -18.29 0.74
N VAL E 9 4.14 -17.82 1.39
CA VAL E 9 4.03 -16.96 2.56
C VAL E 9 4.65 -15.62 2.22
N TYR E 10 3.95 -14.53 2.54
CA TYR E 10 4.36 -13.20 2.10
C TYR E 10 3.54 -12.14 2.80
N SER E 11 4.01 -10.89 2.70
CA SER E 11 3.32 -9.73 3.23
C SER E 11 2.63 -8.97 2.11
N ARG E 12 1.56 -8.26 2.47
CA ARG E 12 0.83 -7.48 1.48
C ARG E 12 1.69 -6.35 0.92
N HIS E 13 2.38 -5.63 1.80
CA HIS E 13 3.33 -4.59 1.44
C HIS E 13 4.74 -5.03 1.80
N PRO E 14 5.77 -4.39 1.24
CA PRO E 14 7.15 -4.74 1.61
C PRO E 14 7.38 -4.55 3.11
N ALA E 15 8.19 -5.44 3.68
CA ALA E 15 8.37 -5.51 5.12
C ALA E 15 9.23 -4.36 5.61
N GLU E 16 8.64 -3.47 6.41
CA GLU E 16 9.37 -2.41 7.09
C GLU E 16 9.13 -2.54 8.59
N ASN E 17 10.20 -2.82 9.34
CA ASN E 17 10.07 -3.08 10.77
C ASN E 17 9.40 -1.91 11.47
N GLY E 18 8.43 -2.22 12.32
CA GLY E 18 7.72 -1.22 13.09
C GLY E 18 6.45 -0.69 12.45
N LYS E 19 6.22 -0.96 11.17
CA LYS E 19 5.02 -0.48 10.48
C LYS E 19 4.05 -1.64 10.24
N SER E 20 2.77 -1.37 10.42
CA SER E 20 1.76 -2.42 10.41
C SER E 20 1.49 -2.93 9.00
N ASN E 21 1.38 -4.25 8.88
CA ASN E 21 1.29 -4.94 7.59
C ASN E 21 0.26 -6.05 7.72
N PHE E 22 0.24 -6.95 6.73
CA PHE E 22 -0.59 -8.13 6.76
C PHE E 22 0.24 -9.34 6.34
N LEU E 23 0.23 -10.37 7.18
CA LEU E 23 0.91 -11.61 6.87
C LEU E 23 -0.06 -12.52 6.11
N ASN E 24 0.32 -12.93 4.91
CA ASN E 24 -0.53 -13.74 4.05
C ASN E 24 0.03 -15.14 3.90
N CYS E 25 -0.85 -16.14 3.90
CA CYS E 25 -0.50 -17.50 3.52
C CYS E 25 -1.45 -17.95 2.43
N TYR E 26 -0.91 -18.17 1.23
CA TYR E 26 -1.71 -18.52 0.07
C TYR E 26 -1.55 -20.01 -0.20
N VAL E 27 -2.65 -20.76 -0.10
CA VAL E 27 -2.66 -22.19 -0.38
C VAL E 27 -3.52 -22.41 -1.61
N SER E 28 -3.00 -23.16 -2.58
CA SER E 28 -3.66 -23.31 -3.86
C SER E 28 -3.34 -24.68 -4.44
N GLY E 29 -4.12 -25.08 -5.44
CA GLY E 29 -3.86 -26.31 -6.16
C GLY E 29 -4.18 -27.58 -5.41
N PHE E 30 -4.95 -27.51 -4.33
CA PHE E 30 -5.22 -28.70 -3.53
C PHE E 30 -6.64 -29.22 -3.76
N HIS E 31 -6.85 -30.49 -3.39
CA HIS E 31 -8.13 -31.17 -3.48
C HIS E 31 -8.08 -32.45 -2.65
N PRO E 32 -9.06 -32.73 -1.78
CA PRO E 32 -10.30 -31.99 -1.49
C PRO E 32 -10.11 -30.72 -0.67
N SER E 33 -11.22 -30.04 -0.36
CA SER E 33 -11.20 -28.66 0.11
C SER E 33 -10.79 -28.53 1.57
N ASP E 34 -11.05 -29.54 2.39
CA ASP E 34 -10.72 -29.43 3.80
C ASP E 34 -9.21 -29.30 3.98
N ILE E 35 -8.81 -28.25 4.68
CA ILE E 35 -7.39 -27.92 4.83
C ILE E 35 -7.21 -27.20 6.15
N GLU E 36 -6.07 -27.44 6.79
CA GLU E 36 -5.74 -26.85 8.08
C GLU E 36 -4.56 -25.91 7.88
N VAL E 37 -4.80 -24.62 8.14
CA VAL E 37 -3.79 -23.59 7.93
C VAL E 37 -3.68 -22.76 9.20
N ASP E 38 -2.47 -22.74 9.78
CA ASP E 38 -2.18 -21.92 10.94
C ASP E 38 -1.06 -20.94 10.61
N LEU E 39 -1.16 -19.73 11.15
CA LEU E 39 -0.10 -18.75 11.06
C LEU E 39 0.66 -18.74 12.38
N LEU E 40 1.98 -18.92 12.30
CA LEU E 40 2.83 -19.07 13.47
C LEU E 40 3.69 -17.82 13.68
N LYS E 41 3.79 -17.39 14.94
CA LYS E 41 4.73 -16.36 15.35
C LYS E 41 5.67 -16.97 16.38
N ASN E 42 6.93 -17.13 16.00
CA ASN E 42 7.92 -17.80 16.85
C ASN E 42 7.43 -19.18 17.28
N GLY E 43 6.84 -19.90 16.34
CA GLY E 43 6.34 -21.24 16.60
C GLY E 43 5.02 -21.30 17.33
N GLU E 44 4.43 -20.16 17.68
CA GLU E 44 3.16 -20.12 18.40
C GLU E 44 2.04 -19.74 17.43
N ARG E 45 0.93 -20.47 17.51
CA ARG E 45 -0.20 -20.22 16.61
C ARG E 45 -0.82 -18.86 16.93
N ILE E 46 -1.07 -18.09 15.88
CA ILE E 46 -1.75 -16.80 16.02
C ILE E 46 -3.25 -17.03 16.05
N GLU E 47 -3.91 -16.49 17.07
CA GLU E 47 -5.34 -16.74 17.27
C GLU E 47 -6.21 -15.94 16.31
N LYS E 48 -5.74 -14.75 15.90
CA LYS E 48 -6.55 -13.81 15.13
C LYS E 48 -6.21 -13.99 13.65
N VAL E 49 -6.80 -15.02 13.04
CA VAL E 49 -6.52 -15.36 11.64
C VAL E 49 -7.85 -15.50 10.89
N GLU E 50 -8.00 -14.73 9.82
CA GLU E 50 -9.14 -14.85 8.93
C GLU E 50 -8.69 -15.49 7.62
N HIS E 51 -9.66 -15.82 6.78
CA HIS E 51 -9.36 -16.41 5.48
C HIS E 51 -10.41 -15.99 4.46
N SER E 52 -10.01 -16.01 3.20
CA SER E 52 -10.94 -15.75 2.11
C SER E 52 -11.95 -16.89 1.96
N ASP E 53 -13.01 -16.61 1.22
CA ASP E 53 -14.04 -17.61 0.99
C ASP E 53 -13.56 -18.63 -0.03
N LEU E 54 -13.91 -19.89 0.21
CA LEU E 54 -13.42 -20.99 -0.61
C LEU E 54 -13.82 -20.81 -2.07
N SER E 55 -12.84 -20.93 -2.97
CA SER E 55 -13.08 -20.92 -4.40
C SER E 55 -12.12 -21.91 -5.06
N PHE E 56 -12.18 -21.99 -6.38
CA PHE E 56 -11.37 -22.96 -7.10
C PHE E 56 -11.05 -22.44 -8.49
N SER E 57 -10.05 -23.07 -9.11
CA SER E 57 -9.51 -22.66 -10.41
C SER E 57 -10.15 -23.50 -11.51
N LYS E 58 -9.71 -23.23 -12.75
CA LYS E 58 -10.28 -23.90 -13.91
C LYS E 58 -10.13 -25.41 -13.84
N ASP E 59 -9.02 -25.90 -13.26
CA ASP E 59 -8.79 -27.34 -13.15
C ASP E 59 -9.47 -27.96 -11.93
N TRP E 60 -10.35 -27.21 -11.25
CA TRP E 60 -11.17 -27.58 -10.09
C TRP E 60 -10.40 -27.58 -8.77
N SER E 61 -9.09 -27.33 -8.77
CA SER E 61 -8.36 -27.30 -7.52
C SER E 61 -8.64 -26.00 -6.77
N PHE E 62 -8.70 -26.10 -5.45
CA PHE E 62 -9.13 -25.00 -4.59
C PHE E 62 -7.97 -24.07 -4.27
N TYR E 63 -8.32 -22.85 -3.86
CA TYR E 63 -7.32 -21.92 -3.34
C TYR E 63 -7.95 -21.09 -2.22
N LEU E 64 -7.09 -20.66 -1.28
CA LEU E 64 -7.52 -19.91 -0.11
C LEU E 64 -6.39 -18.97 0.31
N LEU E 65 -6.78 -17.80 0.81
CA LEU E 65 -5.82 -16.86 1.39
C LEU E 65 -6.12 -16.72 2.88
N TYR E 66 -5.16 -17.12 3.72
CA TYR E 66 -5.21 -16.86 5.15
C TYR E 66 -4.33 -15.65 5.47
N TYR E 67 -4.83 -14.75 6.31
CA TYR E 67 -4.11 -13.52 6.59
C TYR E 67 -4.38 -13.05 8.01
N THR E 68 -3.46 -12.20 8.50
CA THR E 68 -3.60 -11.55 9.79
C THR E 68 -2.75 -10.29 9.82
N GLU E 69 -3.23 -9.27 10.51
CA GLU E 69 -2.42 -8.07 10.71
C GLU E 69 -1.22 -8.40 11.58
N PHE E 70 -0.08 -7.81 11.27
CA PHE E 70 1.11 -7.99 12.09
C PHE E 70 2.06 -6.83 11.85
N THR E 71 2.90 -6.56 12.85
CA THR E 71 3.92 -5.53 12.73
C THR E 71 5.29 -6.20 12.73
N PRO E 72 5.96 -6.27 11.59
CA PRO E 72 7.22 -7.00 11.53
C PRO E 72 8.31 -6.30 12.32
N THR E 73 9.30 -7.09 12.72
CA THR E 73 10.47 -6.57 13.40
C THR E 73 11.63 -7.52 13.12
N GLU E 74 12.81 -7.14 13.60
CA GLU E 74 13.89 -8.11 13.64
C GLU E 74 13.61 -9.14 14.71
N LYS E 75 14.20 -10.33 14.55
CA LYS E 75 14.17 -11.40 15.54
C LYS E 75 12.81 -12.07 15.64
N ASP E 76 11.79 -11.52 15.00
CA ASP E 76 10.43 -12.04 15.09
C ASP E 76 10.20 -12.98 13.91
N GLU E 77 10.24 -14.29 14.17
CA GLU E 77 10.06 -15.28 13.12
C GLU E 77 8.57 -15.53 12.89
N TYR E 78 8.20 -15.62 11.62
CA TYR E 78 6.84 -15.93 11.22
C TYR E 78 6.86 -17.08 10.23
N ALA E 79 5.80 -17.87 10.24
CA ALA E 79 5.70 -19.01 9.34
C ALA E 79 4.22 -19.34 9.13
N CYS E 80 3.97 -20.24 8.18
CA CYS E 80 2.65 -20.75 7.91
C CYS E 80 2.74 -22.28 7.93
N ARG E 81 1.84 -22.90 8.69
CA ARG E 81 1.81 -24.36 8.81
C ARG E 81 0.53 -24.88 8.18
N VAL E 82 0.67 -25.86 7.29
CA VAL E 82 -0.44 -26.37 6.50
C VAL E 82 -0.52 -27.88 6.66
N ASN E 83 -1.70 -28.39 6.97
CA ASN E 83 -1.98 -29.82 6.95
C ASN E 83 -3.14 -30.10 6.02
N HIS E 84 -3.08 -31.27 5.37
CA HIS E 84 -4.02 -31.65 4.34
C HIS E 84 -3.98 -33.18 4.23
N VAL E 85 -5.06 -33.76 3.69
CA VAL E 85 -5.17 -35.21 3.66
C VAL E 85 -4.04 -35.83 2.85
N THR E 86 -3.51 -35.11 1.86
CA THR E 86 -2.44 -35.63 1.02
C THR E 86 -1.07 -35.55 1.68
N LEU E 87 -0.95 -34.87 2.83
CA LEU E 87 0.33 -34.69 3.50
C LEU E 87 0.44 -35.66 4.68
N SER E 88 1.54 -36.42 4.72
CA SER E 88 1.72 -37.39 5.79
C SER E 88 2.06 -36.72 7.11
N GLN E 89 2.84 -35.65 7.07
CA GLN E 89 3.07 -34.77 8.20
C GLN E 89 2.87 -33.33 7.78
N PRO E 90 2.50 -32.45 8.72
CA PRO E 90 2.29 -31.03 8.36
C PRO E 90 3.52 -30.41 7.71
N LYS E 91 3.25 -29.44 6.83
CA LYS E 91 4.27 -28.71 6.11
C LYS E 91 4.37 -27.31 6.69
N ILE E 92 5.61 -26.81 6.83
CA ILE E 92 5.86 -25.50 7.41
C ILE E 92 6.71 -24.70 6.45
N VAL E 93 6.22 -23.51 6.07
CA VAL E 93 6.95 -22.57 5.25
C VAL E 93 7.20 -21.33 6.08
N LYS E 94 8.47 -20.94 6.22
CA LYS E 94 8.82 -19.76 6.98
C LYS E 94 8.67 -18.51 6.11
N TRP E 95 8.35 -17.39 6.75
CA TRP E 95 8.23 -16.13 6.05
C TRP E 95 9.61 -15.50 5.86
N ASP E 96 9.96 -15.25 4.61
CA ASP E 96 11.23 -14.61 4.25
C ASP E 96 10.88 -13.30 3.57
N ARG E 97 11.14 -12.18 4.26
CA ARG E 97 10.74 -10.88 3.73
C ARG E 97 11.31 -10.59 2.35
N ASP E 98 12.15 -11.45 1.86
CA ASP E 98 12.64 -11.29 0.52
C ASP E 98 11.97 -12.27 -0.44
N MET E 99 11.20 -13.23 0.07
CA MET E 99 10.51 -14.35 -0.59
C MET E 99 11.43 -15.29 -1.34
N ASP F 1 -27.60 -12.02 -9.55
CA ASP F 1 -28.49 -13.03 -9.00
C ASP F 1 -27.94 -14.44 -9.19
N PHE F 2 -27.88 -15.22 -8.11
CA PHE F 2 -27.70 -16.67 -8.24
C PHE F 2 -28.77 -17.22 -9.17
N GLU F 3 -28.45 -18.29 -9.89
CA GLU F 3 -29.48 -18.99 -10.62
C GLU F 3 -30.54 -19.51 -9.64
N LYS F 4 -31.80 -19.33 -10.01
CA LYS F 4 -32.91 -19.77 -9.18
C LYS F 4 -33.51 -21.10 -9.65
N GLU F 5 -33.12 -21.52 -10.86
CA GLU F 5 -33.62 -22.76 -11.42
C GLU F 5 -32.59 -23.88 -11.36
N GLY F 6 -32.60 -24.62 -10.25
CA GLY F 6 -31.67 -25.72 -10.06
C GLY F 6 -32.38 -27.06 -10.13
N TYR F 7 -31.66 -28.08 -10.57
CA TYR F 7 -32.23 -29.43 -10.68
C TYR F 7 -31.24 -30.45 -10.14
N SER F 8 -31.69 -31.26 -9.19
CA SER F 8 -30.82 -32.27 -8.60
C SER F 8 -30.25 -33.20 -9.66
N LEU F 9 -28.96 -33.50 -9.54
CA LEU F 9 -28.28 -34.38 -10.48
C LEU F 9 -28.98 -35.73 -10.57
#